data_4EG5
#
_entry.id   4EG5
#
_cell.length_a   86.878
_cell.length_b   106.119
_cell.length_c   207.420
_cell.angle_alpha   90.00
_cell.angle_beta   90.00
_cell.angle_gamma   90.00
#
_symmetry.space_group_name_H-M   'P 21 21 21'
#
loop_
_entity.id
_entity.type
_entity.pdbx_description
1 polymer 'Methionyl-tRNA synthetase, putative'
2 non-polymer GLYCEROL
3 non-polymer 'DIMETHYL SULFOXIDE'
4 non-polymer METHIONINE
5 non-polymer 'SULFATE ION'
6 non-polymer 2-({3-[(3,5-dichlorobenzyl)amino]propyl}amino)quinolin-4(1H)-one
7 water water
#
_entity_poly.entity_id   1
_entity_poly.type   'polypeptide(L)'
_entity_poly.pdbx_seq_one_letter_code
;GPGSMKVEKVFFVTSPIYYVNAAPHIGHVYSTLITDVIGRYHRVKGERVFALTGTDEHGQKVAEAAKQKQVSPYDFTTAV
AGEFKKCFEQMDYSIDYFIRTTNEQHKAVVKELWTKLEQKGDIYLGRYEGWYSISDESFLTPQNITDGVDKDGNPCKVSL
ESGHVVTWVSEENYMFRLSAFRERLLEWYHANPGCIVPEFRRREVIRAVEKGLPDLSVSRARATLHNWAIPVPGNPDHCV
YVWLDALTNYLTGSRLRVDESGKEVSLVDDFNELERFPADVHVIGKDILKFHAIYWPAFLLSAGLPLPKKIVAHGWWTKD
RKKISKSLGNVFDPVEKAEEFGYDALKYFLLRESGFSDDGDYSDKNMIARLNGELADTLGNLVMRCTSAKINVNGEWPSP
AAYTEEDESLIQLIKDLPGTADHYYLIPDIQKAIIAVFDVLRAINAYVTDMAPWKLVKTDPERLRTVLYITLEGVRVTTL
LLSPILPRKSVVIFDMLGVPEVHRKGIENFEFGAVPPGTRLGPAVEGEVLFSKRSTENTKST
;
_entity_poly.pdbx_strand_id   A,B
#
# COMPACT_ATOMS: atom_id res chain seq x y z
N GLU A 8 21.43 5.03 -24.09
CA GLU A 8 21.26 5.68 -22.76
C GLU A 8 21.76 7.12 -22.81
N LYS A 9 21.07 7.98 -22.09
CA LYS A 9 21.27 9.44 -22.13
C LYS A 9 21.77 9.92 -20.76
N VAL A 10 22.15 11.18 -20.63
CA VAL A 10 22.20 11.78 -19.30
C VAL A 10 20.79 12.20 -18.89
N PHE A 11 20.40 11.78 -17.68
CA PHE A 11 19.12 12.13 -17.16
C PHE A 11 19.21 13.58 -16.73
N PHE A 12 18.32 14.40 -17.26
CA PHE A 12 18.43 15.85 -17.17
C PHE A 12 17.18 16.42 -16.50
N VAL A 13 17.36 16.90 -15.27
CA VAL A 13 16.26 17.44 -14.49
C VAL A 13 16.55 18.92 -14.23
N THR A 14 15.52 19.75 -14.35
CA THR A 14 15.67 21.20 -14.22
C THR A 14 14.65 21.73 -13.24
N SER A 15 15.02 22.81 -12.54
CA SER A 15 14.06 23.66 -11.85
C SER A 15 13.79 24.86 -12.78
N PRO A 16 12.80 25.70 -12.44
CA PRO A 16 12.67 26.97 -13.13
C PRO A 16 13.81 27.84 -12.69
N ILE A 17 14.16 28.85 -13.48
CA ILE A 17 15.12 29.88 -13.05
C ILE A 17 14.35 31.09 -12.54
N TYR A 18 14.77 31.60 -11.38
CA TYR A 18 13.92 32.44 -10.55
C TYR A 18 14.22 33.93 -10.77
N TYR A 19 13.19 34.77 -10.86
CA TYR A 19 13.39 36.22 -10.98
C TYR A 19 14.08 36.71 -9.73
N VAL A 20 15.14 37.49 -9.95
CA VAL A 20 16.03 37.98 -8.89
C VAL A 20 15.58 39.35 -8.28
N ASN A 21 14.37 39.80 -8.59
CA ASN A 21 13.80 41.01 -7.98
C ASN A 21 13.73 40.98 -6.44
N ALA A 22 13.55 39.79 -5.87
CA ALA A 22 13.48 39.64 -4.42
C ALA A 22 14.46 38.55 -4.02
N ALA A 23 14.86 38.58 -2.75
CA ALA A 23 15.67 37.52 -2.17
C ALA A 23 14.95 36.20 -2.37
N PRO A 24 15.66 35.08 -2.21
CA PRO A 24 14.98 33.80 -2.21
C PRO A 24 14.08 33.57 -0.97
N HIS A 25 13.07 32.74 -1.16
CA HIS A 25 12.16 32.33 -0.11
C HIS A 25 11.79 30.88 -0.24
N ILE A 26 11.04 30.37 0.73
CA ILE A 26 10.39 29.08 0.58
C ILE A 26 9.68 29.15 -0.77
N GLY A 27 9.75 28.13 -1.60
CA GLY A 27 9.05 28.23 -2.87
C GLY A 27 10.00 28.15 -4.03
N HIS A 28 11.00 29.03 -4.04
CA HIS A 28 12.17 28.81 -4.91
C HIS A 28 12.77 27.53 -4.40
N VAL A 29 12.88 27.44 -3.08
CA VAL A 29 13.48 26.30 -2.41
C VAL A 29 12.64 25.02 -2.63
N TYR A 30 11.33 25.11 -2.50
CA TYR A 30 10.48 23.96 -2.79
C TYR A 30 10.73 23.47 -4.22
N SER A 31 10.68 24.39 -5.18
CA SER A 31 10.85 24.03 -6.58
C SER A 31 12.18 23.37 -6.78
N THR A 32 13.27 23.97 -6.30
CA THR A 32 14.60 23.34 -6.48
C THR A 32 14.77 22.05 -5.63
N LEU A 33 13.98 21.91 -4.56
CA LEU A 33 14.00 20.67 -3.77
C LEU A 33 13.48 19.50 -4.59
N ILE A 34 12.34 19.66 -5.24
CA ILE A 34 11.80 18.62 -6.11
C ILE A 34 12.84 18.28 -7.17
N THR A 35 13.33 19.29 -7.87
CA THR A 35 14.36 19.07 -8.84
C THR A 35 15.49 18.26 -8.23
N ASP A 36 15.92 18.65 -7.04
CA ASP A 36 17.06 17.97 -6.41
C ASP A 36 16.78 16.54 -6.01
N VAL A 37 15.57 16.29 -5.50
CA VAL A 37 15.18 14.95 -5.08
C VAL A 37 15.09 14.00 -6.27
N ILE A 38 14.54 14.46 -7.39
CA ILE A 38 14.44 13.59 -8.54
C ILE A 38 15.87 13.21 -8.91
N GLY A 39 16.70 14.20 -9.21
CA GLY A 39 18.09 13.97 -9.55
C GLY A 39 18.74 12.93 -8.66
N ARG A 40 18.61 13.16 -7.34
CA ARG A 40 19.21 12.29 -6.32
C ARG A 40 18.76 10.85 -6.45
N TYR A 41 17.45 10.66 -6.72
CA TYR A 41 16.91 9.31 -6.91
C TYR A 41 17.53 8.60 -8.11
N HIS A 42 17.68 9.29 -9.23
CA HIS A 42 18.27 8.67 -10.40
C HIS A 42 19.74 8.37 -10.18
N ARG A 43 20.42 9.19 -9.39
CA ARG A 43 21.80 8.91 -9.02
C ARG A 43 21.92 7.69 -8.13
N VAL A 44 20.95 7.44 -7.26
CA VAL A 44 21.01 6.21 -6.41
C VAL A 44 20.67 4.98 -7.23
N LYS A 45 20.02 5.19 -8.37
CA LYS A 45 19.81 4.13 -9.37
C LYS A 45 21.09 3.88 -10.16
N GLY A 46 22.04 4.80 -10.04
CA GLY A 46 23.33 4.68 -10.70
C GLY A 46 23.28 5.19 -12.12
N GLU A 47 22.35 6.08 -12.40
CA GLU A 47 22.21 6.65 -13.73
C GLU A 47 23.10 7.86 -13.79
N ARG A 48 23.40 8.32 -15.00
CA ARG A 48 24.06 9.60 -15.19
C ARG A 48 23.02 10.69 -15.01
N VAL A 49 23.33 11.69 -14.19
CA VAL A 49 22.37 12.75 -13.95
C VAL A 49 22.99 14.12 -14.15
N PHE A 50 22.21 15.04 -14.71
CA PHE A 50 22.54 16.45 -14.69
C PHE A 50 21.32 17.28 -14.25
N ALA A 51 21.34 17.80 -13.03
CA ALA A 51 20.26 18.63 -12.49
C ALA A 51 20.64 20.08 -12.60
N LEU A 52 19.74 20.92 -13.10
CA LEU A 52 20.03 22.33 -13.38
C LEU A 52 19.13 23.23 -12.54
N THR A 53 19.65 24.39 -12.15
CA THR A 53 18.87 25.40 -11.43
C THR A 53 19.54 26.75 -11.65
N GLY A 54 18.97 27.83 -11.15
CA GLY A 54 19.52 29.15 -11.43
C GLY A 54 18.57 30.34 -11.37
N THR A 55 18.98 31.46 -11.97
CA THR A 55 18.25 32.73 -11.86
C THR A 55 17.96 33.37 -13.23
N ASP A 56 16.78 34.01 -13.31
CA ASP A 56 16.27 34.71 -14.50
C ASP A 56 16.47 36.20 -14.24
N GLU A 57 17.50 36.78 -14.85
CA GLU A 57 18.02 38.08 -14.39
C GLU A 57 17.71 39.27 -15.30
N HIS A 58 17.21 39.03 -16.50
CA HIS A 58 16.87 40.12 -17.45
C HIS A 58 15.45 40.59 -17.33
N GLY A 59 15.13 41.63 -18.09
CA GLY A 59 13.74 42.02 -18.29
C GLY A 59 13.29 43.23 -17.50
N GLN A 60 12.00 43.52 -17.60
CA GLN A 60 11.44 44.74 -17.04
C GLN A 60 11.21 44.60 -15.54
N LYS A 61 10.52 43.53 -15.15
CA LYS A 61 10.32 43.21 -13.74
C LYS A 61 11.59 43.45 -12.94
N VAL A 62 12.69 42.81 -13.34
CA VAL A 62 13.94 42.86 -12.59
C VAL A 62 14.59 44.23 -12.72
N ALA A 63 14.55 44.82 -13.91
CA ALA A 63 15.14 46.16 -14.13
C ALA A 63 14.53 47.12 -13.14
N GLU A 64 13.20 47.17 -13.14
CA GLU A 64 12.43 48.07 -12.30
C GLU A 64 12.53 47.73 -10.83
N ALA A 65 12.85 46.49 -10.49
CA ALA A 65 13.19 46.12 -9.11
C ALA A 65 14.51 46.81 -8.72
N ALA A 66 15.46 46.81 -9.66
CA ALA A 66 16.78 47.38 -9.43
C ALA A 66 16.70 48.89 -9.36
N LYS A 67 15.83 49.48 -10.17
CA LYS A 67 15.64 50.92 -10.11
C LYS A 67 14.95 51.33 -8.78
N GLN A 68 13.92 50.57 -8.41
CA GLN A 68 13.13 50.83 -7.20
C GLN A 68 13.92 50.70 -5.89
N LYS A 69 15.12 50.14 -5.95
CA LYS A 69 16.04 50.10 -4.80
C LYS A 69 17.26 51.01 -5.04
N GLN A 70 17.22 51.82 -6.10
CA GLN A 70 18.34 52.71 -6.45
C GLN A 70 19.70 51.99 -6.45
N VAL A 71 19.84 51.01 -7.33
CA VAL A 71 21.11 50.28 -7.52
C VAL A 71 21.23 49.88 -8.99
N SER A 72 22.47 49.69 -9.44
CA SER A 72 22.74 49.32 -10.82
C SER A 72 22.28 47.89 -11.09
N PRO A 73 21.56 47.64 -12.21
CA PRO A 73 21.09 46.28 -12.49
C PRO A 73 22.21 45.26 -12.66
N TYR A 74 23.37 45.70 -13.14
CA TYR A 74 24.55 44.83 -13.20
C TYR A 74 24.94 44.39 -11.78
N ASP A 75 24.93 45.33 -10.84
CA ASP A 75 25.27 45.06 -9.44
C ASP A 75 24.16 44.35 -8.68
N PHE A 76 22.92 44.66 -9.08
CA PHE A 76 21.72 44.15 -8.39
C PHE A 76 21.44 42.67 -8.70
N THR A 77 21.49 42.31 -9.98
CA THR A 77 21.32 40.92 -10.35
C THR A 77 22.39 40.05 -9.69
N THR A 78 23.66 40.47 -9.77
CA THR A 78 24.77 39.74 -9.13
C THR A 78 24.56 39.55 -7.63
N ALA A 79 24.11 40.59 -6.95
CA ALA A 79 23.89 40.53 -5.50
C ALA A 79 22.90 39.42 -5.16
N VAL A 80 21.65 39.62 -5.58
CA VAL A 80 20.57 38.65 -5.36
C VAL A 80 20.96 37.25 -5.80
N ALA A 81 21.47 37.12 -7.03
CA ALA A 81 21.92 35.84 -7.56
C ALA A 81 22.81 35.12 -6.54
N GLY A 82 23.70 35.87 -5.88
CA GLY A 82 24.55 35.32 -4.84
C GLY A 82 23.78 34.85 -3.62
N GLU A 83 22.71 35.57 -3.27
CA GLU A 83 21.87 35.20 -2.15
C GLU A 83 21.17 33.87 -2.43
N PHE A 84 20.68 33.68 -3.66
CA PHE A 84 20.12 32.40 -4.08
C PHE A 84 21.17 31.27 -3.97
N LYS A 85 22.33 31.46 -4.62
CA LYS A 85 23.43 30.51 -4.51
C LYS A 85 23.79 30.18 -3.07
N LYS A 86 23.87 31.20 -2.21
CA LYS A 86 24.16 30.98 -0.80
C LYS A 86 23.03 30.19 -0.13
N CYS A 87 21.80 30.53 -0.47
CA CYS A 87 20.64 29.82 0.06
C CYS A 87 20.64 28.35 -0.40
N PHE A 88 20.86 28.10 -1.68
CA PHE A 88 20.83 26.72 -2.19
C PHE A 88 22.02 25.88 -1.71
N GLU A 89 23.13 26.54 -1.43
CA GLU A 89 24.27 25.82 -0.89
C GLU A 89 23.97 25.42 0.54
N GLN A 90 23.38 26.33 1.31
CA GLN A 90 22.98 26.03 2.70
C GLN A 90 21.95 24.93 2.78
N MET A 91 21.14 24.84 1.74
CA MET A 91 20.05 23.89 1.69
C MET A 91 20.52 22.49 1.27
N ASP A 92 21.83 22.34 1.02
CA ASP A 92 22.45 21.02 0.92
C ASP A 92 21.80 20.22 -0.22
N TYR A 93 21.65 20.86 -1.38
CA TYR A 93 21.20 20.18 -2.60
C TYR A 93 22.38 19.52 -3.31
N SER A 94 22.07 18.72 -4.33
CA SER A 94 23.09 18.11 -5.19
C SER A 94 22.91 18.56 -6.64
N ILE A 95 22.59 19.84 -6.81
CA ILE A 95 22.50 20.45 -8.14
C ILE A 95 23.87 20.46 -8.80
N ASP A 96 23.90 20.27 -10.11
CA ASP A 96 25.14 20.16 -10.86
C ASP A 96 25.60 21.49 -11.38
N TYR A 97 24.68 22.37 -11.71
CA TYR A 97 25.08 23.70 -12.17
C TYR A 97 24.05 24.77 -11.84
N PHE A 98 24.54 25.95 -11.47
CA PHE A 98 23.73 27.12 -11.25
C PHE A 98 23.88 28.02 -12.50
N ILE A 99 22.78 28.39 -13.15
CA ILE A 99 22.84 29.15 -14.41
C ILE A 99 22.21 30.52 -14.24
N ARG A 100 22.83 31.52 -14.83
CA ARG A 100 22.34 32.88 -14.79
C ARG A 100 22.21 33.35 -16.22
N THR A 101 21.07 33.95 -16.55
CA THR A 101 20.84 34.41 -17.91
C THR A 101 21.75 35.57 -18.34
N THR A 102 22.38 36.25 -17.38
CA THR A 102 23.35 37.31 -17.72
C THR A 102 24.65 36.73 -18.25
N ASN A 103 24.88 35.45 -17.96
CA ASN A 103 26.03 34.71 -18.47
C ASN A 103 26.18 34.90 -19.96
N GLU A 104 27.42 35.11 -20.40
CA GLU A 104 27.70 35.47 -21.79
C GLU A 104 27.45 34.29 -22.76
N GLN A 105 27.67 33.06 -22.27
CA GLN A 105 27.43 31.84 -23.07
C GLN A 105 25.95 31.59 -23.29
N HIS A 106 25.13 31.93 -22.30
CA HIS A 106 23.68 31.87 -22.47
C HIS A 106 23.20 32.81 -23.53
N LYS A 107 23.65 34.06 -23.46
CA LYS A 107 23.31 35.03 -24.48
C LYS A 107 23.62 34.50 -25.89
N ALA A 108 24.72 33.77 -26.00
CA ALA A 108 25.13 33.17 -27.27
C ALA A 108 24.07 32.21 -27.82
N VAL A 109 23.50 31.39 -26.94
CA VAL A 109 22.52 30.38 -27.31
C VAL A 109 21.19 31.04 -27.71
N VAL A 110 20.81 32.10 -26.99
CA VAL A 110 19.58 32.81 -27.28
C VAL A 110 19.64 33.32 -28.71
N LYS A 111 20.79 33.85 -29.10
CA LYS A 111 20.98 34.35 -30.46
C LYS A 111 21.01 33.20 -31.49
N GLU A 112 21.69 32.10 -31.16
CA GLU A 112 21.67 30.92 -32.03
C GLU A 112 20.22 30.49 -32.20
N LEU A 113 19.53 30.24 -31.08
CA LEU A 113 18.12 29.82 -31.13
C LEU A 113 17.25 30.81 -31.91
N TRP A 114 17.44 32.09 -31.68
CA TRP A 114 16.66 33.11 -32.38
C TRP A 114 16.82 33.05 -33.88
N THR A 115 18.06 32.87 -34.32
CA THR A 115 18.36 32.83 -35.75
C THR A 115 17.69 31.63 -36.42
N LYS A 116 17.68 30.50 -35.70
CA LYS A 116 16.98 29.31 -36.18
C LYS A 116 15.52 29.63 -36.36
N LEU A 117 14.88 30.18 -35.32
CA LEU A 117 13.48 30.55 -35.39
C LEU A 117 13.24 31.46 -36.59
N GLU A 118 14.12 32.43 -36.82
CA GLU A 118 13.97 33.37 -37.95
C GLU A 118 14.07 32.65 -39.27
N GLN A 119 15.12 31.83 -39.42
CA GLN A 119 15.43 31.18 -40.69
C GLN A 119 14.34 30.21 -41.15
N LYS A 120 13.57 29.67 -40.19
CA LYS A 120 12.44 28.78 -40.50
C LYS A 120 11.22 29.57 -40.95
N GLY A 121 11.30 30.91 -40.91
CA GLY A 121 10.21 31.75 -41.40
C GLY A 121 9.15 31.93 -40.35
N ASP A 122 9.47 31.58 -39.11
CA ASP A 122 8.53 31.58 -38.01
C ASP A 122 8.50 32.92 -37.22
N ILE A 123 9.43 33.84 -37.50
CA ILE A 123 9.39 35.14 -36.86
C ILE A 123 9.21 36.28 -37.86
N TYR A 124 8.26 37.17 -37.58
CA TYR A 124 7.96 38.30 -38.45
C TYR A 124 7.74 39.56 -37.63
N LEU A 125 7.81 40.70 -38.31
CA LEU A 125 7.66 41.98 -37.67
C LEU A 125 6.20 42.35 -37.67
N GLY A 126 5.63 42.44 -36.47
CA GLY A 126 4.25 42.81 -36.29
C GLY A 126 4.06 43.85 -35.24
N ARG A 127 2.80 44.09 -34.86
CA ARG A 127 2.44 44.80 -33.62
C ARG A 127 1.83 43.84 -32.58
N TYR A 128 2.09 44.13 -31.31
CA TYR A 128 1.26 43.65 -30.21
C TYR A 128 0.58 44.87 -29.58
N GLU A 129 -0.75 44.86 -29.56
CA GLU A 129 -1.53 45.85 -28.81
C GLU A 129 -2.44 45.11 -27.86
N GLY A 130 -2.07 45.07 -26.59
CA GLY A 130 -2.84 44.30 -25.64
C GLY A 130 -2.30 44.42 -24.25
N TRP A 131 -2.92 43.67 -23.34
CA TRP A 131 -2.56 43.68 -21.91
C TRP A 131 -1.29 42.95 -21.61
N TYR A 132 -0.64 43.34 -20.52
CA TYR A 132 0.61 42.69 -20.13
C TYR A 132 0.85 42.87 -18.65
N SER A 133 1.03 41.76 -17.93
CA SER A 133 1.46 41.80 -16.53
C SER A 133 2.98 41.78 -16.45
N ILE A 134 3.56 42.86 -15.92
CA ILE A 134 5.00 42.99 -15.83
C ILE A 134 5.54 42.03 -14.78
N SER A 135 4.86 41.97 -13.63
CA SER A 135 5.26 41.09 -12.54
C SER A 135 5.32 39.63 -12.98
N ASP A 136 4.44 39.24 -13.91
CA ASP A 136 4.44 37.91 -14.54
C ASP A 136 5.22 37.85 -15.84
N GLU A 137 5.50 39.00 -16.44
CA GLU A 137 6.07 39.07 -17.79
C GLU A 137 5.23 38.26 -18.79
N SER A 138 3.91 38.31 -18.60
CA SER A 138 2.95 37.50 -19.35
C SER A 138 2.02 38.35 -20.22
N PHE A 139 1.89 38.00 -21.50
CA PHE A 139 0.85 38.56 -22.36
C PHE A 139 -0.51 37.93 -22.00
N LEU A 140 -1.51 38.77 -21.81
CA LEU A 140 -2.84 38.35 -21.41
C LEU A 140 -3.88 38.90 -22.40
N THR A 141 -4.91 38.09 -22.70
CA THR A 141 -6.08 38.58 -23.47
C THR A 141 -7.13 39.09 -22.48
N PRO A 142 -8.09 39.91 -22.96
CA PRO A 142 -8.97 40.66 -22.04
C PRO A 142 -9.86 39.77 -21.16
N GLN A 143 -10.07 38.53 -21.59
CA GLN A 143 -10.76 37.54 -20.79
C GLN A 143 -10.00 37.23 -19.52
N ASN A 144 -8.68 37.39 -19.53
CA ASN A 144 -7.86 37.07 -18.35
C ASN A 144 -7.50 38.22 -17.43
N ILE A 145 -8.13 39.37 -17.63
CA ILE A 145 -7.95 40.49 -16.69
C ILE A 145 -9.31 40.91 -16.15
N THR A 146 -9.29 41.70 -15.07
CA THR A 146 -10.50 42.08 -14.37
C THR A 146 -10.17 43.22 -13.42
N ASP A 147 -11.18 43.90 -12.90
CA ASP A 147 -10.95 45.07 -12.04
C ASP A 147 -10.39 44.69 -10.67
N GLY A 148 -9.78 45.65 -10.00
CA GLY A 148 -9.17 45.46 -8.68
C GLY A 148 -8.44 46.72 -8.25
N VAL A 149 -7.68 46.64 -7.17
CA VAL A 149 -6.87 47.77 -6.72
C VAL A 149 -5.57 47.25 -6.09
N ASP A 150 -4.65 46.80 -6.95
CA ASP A 150 -3.31 46.40 -6.47
C ASP A 150 -2.42 47.65 -6.41
N LYS A 151 -2.78 48.69 -7.16
CA LYS A 151 -2.23 50.02 -6.91
C LYS A 151 -2.64 50.37 -5.49
N ASP A 152 -1.67 50.79 -4.67
CA ASP A 152 -1.93 51.17 -3.27
C ASP A 152 -3.34 51.77 -3.11
N GLY A 153 -3.55 52.96 -3.68
CA GLY A 153 -4.85 53.62 -3.60
C GLY A 153 -5.73 53.32 -4.79
N ASN A 154 -5.32 53.81 -5.96
CA ASN A 154 -6.20 53.86 -7.14
C ASN A 154 -6.66 52.50 -7.69
N PRO A 155 -7.78 52.51 -8.45
CA PRO A 155 -8.35 51.30 -9.05
C PRO A 155 -7.73 50.98 -10.41
N CYS A 156 -7.43 49.71 -10.64
CA CYS A 156 -6.76 49.28 -11.86
C CYS A 156 -7.32 47.96 -12.37
N LYS A 157 -6.81 47.52 -13.52
CA LYS A 157 -7.10 46.19 -14.03
C LYS A 157 -5.96 45.26 -13.59
N VAL A 158 -6.32 44.02 -13.27
CA VAL A 158 -5.35 43.06 -12.75
C VAL A 158 -5.48 41.68 -13.40
N SER A 159 -4.37 40.95 -13.39
CA SER A 159 -4.30 39.61 -13.94
C SER A 159 -5.20 38.64 -13.22
N LEU A 160 -6.00 37.86 -13.96
CA LEU A 160 -6.82 36.80 -13.34
C LEU A 160 -5.93 35.69 -12.81
N GLU A 161 -4.83 35.39 -13.49
CA GLU A 161 -3.90 34.37 -13.02
C GLU A 161 -3.24 34.87 -11.73
N SER A 162 -2.40 35.90 -11.81
CA SER A 162 -1.60 36.29 -10.65
C SER A 162 -2.27 37.26 -9.68
N GLY A 163 -3.13 38.13 -10.20
CA GLY A 163 -3.66 39.23 -9.41
C GLY A 163 -2.86 40.51 -9.54
N HIS A 164 -1.69 40.45 -10.18
CA HIS A 164 -0.83 41.64 -10.34
C HIS A 164 -1.38 42.61 -11.34
N VAL A 165 -0.95 43.87 -11.21
CA VAL A 165 -1.37 44.95 -12.10
C VAL A 165 -0.99 44.69 -13.57
N VAL A 166 -1.99 44.79 -14.45
CA VAL A 166 -1.75 44.69 -15.88
C VAL A 166 -1.82 46.08 -16.50
N THR A 167 -1.02 46.28 -17.54
CA THR A 167 -0.95 47.55 -18.22
C THR A 167 -1.10 47.30 -19.73
N TRP A 168 -1.47 48.35 -20.44
CA TRP A 168 -1.65 48.28 -21.90
C TRP A 168 -0.32 48.50 -22.58
N VAL A 169 -0.13 47.82 -23.70
CA VAL A 169 1.10 47.97 -24.49
C VAL A 169 0.71 48.03 -25.96
N SER A 170 1.23 49.02 -26.68
CA SER A 170 1.08 49.06 -28.12
C SER A 170 2.48 49.22 -28.76
N GLU A 171 3.08 48.10 -29.15
CA GLU A 171 4.45 48.12 -29.68
C GLU A 171 4.58 47.42 -31.03
N GLU A 172 5.47 47.93 -31.86
CA GLU A 172 5.95 47.18 -33.00
C GLU A 172 6.90 46.17 -32.39
N ASN A 173 6.48 44.91 -32.34
CA ASN A 173 7.30 43.82 -31.82
C ASN A 173 7.54 42.75 -32.84
N TYR A 174 8.56 41.92 -32.58
CA TYR A 174 8.83 40.75 -33.39
C TYR A 174 7.93 39.61 -32.90
N MET A 175 7.26 38.95 -33.85
CA MET A 175 6.17 38.02 -33.57
C MET A 175 6.51 36.59 -34.01
N PHE A 176 6.28 35.63 -33.11
CA PHE A 176 6.49 34.20 -33.39
C PHE A 176 5.16 33.56 -33.82
N ARG A 177 5.18 32.73 -34.85
CA ARG A 177 3.95 32.16 -35.40
C ARG A 177 3.40 31.02 -34.55
N LEU A 178 3.29 31.24 -33.25
CA LEU A 178 2.78 30.22 -32.32
C LEU A 178 1.47 29.60 -32.79
N SER A 179 0.69 30.40 -33.53
CA SER A 179 -0.56 29.94 -34.10
C SER A 179 -0.38 28.81 -35.11
N ALA A 180 0.73 28.82 -35.83
CA ALA A 180 1.02 27.77 -36.79
C ALA A 180 1.30 26.41 -36.13
N PHE A 181 1.53 26.42 -34.81
CA PHE A 181 1.98 25.24 -34.07
C PHE A 181 0.92 24.56 -33.22
N ARG A 182 -0.35 24.96 -33.41
CA ARG A 182 -1.46 24.46 -32.61
C ARG A 182 -1.69 22.97 -32.81
N GLU A 183 -1.92 22.57 -34.05
CA GLU A 183 -2.31 21.20 -34.34
C GLU A 183 -1.19 20.22 -33.99
N ARG A 184 0.05 20.68 -34.08
CA ARG A 184 1.21 19.83 -33.76
C ARG A 184 1.42 19.71 -32.28
N LEU A 185 1.19 20.78 -31.53
CA LEU A 185 1.20 20.71 -30.08
C LEU A 185 0.13 19.72 -29.66
N LEU A 186 -1.07 19.88 -30.21
CA LEU A 186 -2.19 19.00 -29.90
C LEU A 186 -1.88 17.52 -30.16
N GLU A 187 -1.23 17.25 -31.29
CA GLU A 187 -0.74 15.89 -31.58
C GLU A 187 0.21 15.45 -30.50
N TRP A 188 1.13 16.34 -30.11
CA TRP A 188 2.17 15.98 -29.15
C TRP A 188 1.59 15.57 -27.83
N TYR A 189 0.71 16.40 -27.28
CA TYR A 189 0.04 16.10 -25.99
C TYR A 189 -0.64 14.72 -26.00
N HIS A 190 -1.26 14.36 -27.13
CA HIS A 190 -2.07 13.14 -27.22
C HIS A 190 -1.22 11.92 -27.39
N ALA A 191 -0.25 11.96 -28.29
CA ALA A 191 0.64 10.82 -28.52
C ALA A 191 1.50 10.54 -27.30
N ASN A 192 1.71 11.54 -26.46
CA ASN A 192 2.58 11.43 -25.28
C ASN A 192 1.83 11.90 -24.05
N PRO A 193 0.89 11.07 -23.55
CA PRO A 193 -0.01 11.48 -22.47
C PRO A 193 0.63 11.63 -21.09
N GLY A 194 1.89 11.25 -20.94
CA GLY A 194 2.60 11.55 -19.72
C GLY A 194 3.35 12.87 -19.80
N CYS A 195 3.28 13.57 -20.93
CA CYS A 195 4.21 14.68 -21.17
C CYS A 195 3.96 15.83 -20.24
N ILE A 196 2.75 15.93 -19.71
CA ILE A 196 2.47 16.86 -18.60
C ILE A 196 1.94 16.07 -17.41
N VAL A 197 2.49 16.36 -16.25
CA VAL A 197 2.01 15.81 -15.00
C VAL A 197 1.73 17.01 -14.11
N PRO A 198 0.64 16.99 -13.32
CA PRO A 198 -0.36 15.96 -13.17
C PRO A 198 -1.38 16.00 -14.28
N GLU A 199 -2.10 14.91 -14.44
CA GLU A 199 -3.06 14.74 -15.52
C GLU A 199 -4.02 15.94 -15.67
N PHE A 200 -4.50 16.50 -14.56
CA PHE A 200 -5.52 17.57 -14.65
C PHE A 200 -4.99 18.90 -15.22
N ARG A 201 -3.66 19.06 -15.19
CA ARG A 201 -3.00 20.19 -15.84
C ARG A 201 -2.70 19.88 -17.30
N ARG A 202 -2.53 18.61 -17.65
CA ARG A 202 -2.52 18.22 -19.06
C ARG A 202 -3.88 18.55 -19.68
N ARG A 203 -4.95 18.14 -18.99
CA ARG A 203 -6.30 18.44 -19.45
C ARG A 203 -6.47 19.94 -19.69
N GLU A 204 -5.97 20.74 -18.75
CA GLU A 204 -6.01 22.19 -18.91
C GLU A 204 -5.35 22.65 -20.21
N VAL A 205 -4.07 22.33 -20.36
CA VAL A 205 -3.28 22.80 -21.48
C VAL A 205 -3.99 22.50 -22.80
N ILE A 206 -4.55 21.29 -22.92
CA ILE A 206 -5.16 20.84 -24.17
C ILE A 206 -6.42 21.62 -24.49
N ARG A 207 -7.17 22.01 -23.46
CA ARG A 207 -8.30 22.95 -23.63
C ARG A 207 -7.84 24.33 -24.14
N ALA A 208 -6.79 24.87 -23.54
CA ALA A 208 -6.30 26.20 -23.90
C ALA A 208 -5.84 26.23 -25.34
N VAL A 209 -5.21 25.15 -25.77
CA VAL A 209 -4.60 25.10 -27.09
C VAL A 209 -5.65 24.74 -28.11
N GLU A 210 -6.66 23.95 -27.73
CA GLU A 210 -7.71 23.60 -28.69
C GLU A 210 -8.62 24.80 -28.94
N LYS A 211 -8.90 25.61 -27.92
CA LYS A 211 -9.60 26.90 -28.09
C LYS A 211 -8.93 27.77 -29.17
N GLY A 212 -7.61 27.86 -29.13
CA GLY A 212 -6.88 28.53 -30.19
C GLY A 212 -5.66 29.27 -29.69
N LEU A 213 -4.68 29.46 -30.56
CA LEU A 213 -3.45 30.14 -30.19
C LEU A 213 -3.19 31.34 -31.10
N PRO A 214 -2.92 32.50 -30.49
CA PRO A 214 -2.45 33.65 -31.23
C PRO A 214 -0.93 33.63 -31.34
N ASP A 215 -0.38 34.46 -32.21
CA ASP A 215 1.06 34.59 -32.30
C ASP A 215 1.61 35.23 -31.05
N LEU A 216 2.90 35.05 -30.81
CA LEU A 216 3.53 35.50 -29.58
C LEU A 216 4.55 36.61 -29.85
N SER A 217 4.54 37.64 -29.00
CA SER A 217 5.44 38.78 -29.10
C SER A 217 6.81 38.52 -28.45
N VAL A 218 7.70 37.98 -29.26
CA VAL A 218 9.03 37.54 -28.81
C VAL A 218 10.09 38.65 -28.68
N SER A 219 9.72 39.91 -28.92
CA SER A 219 10.62 41.07 -28.66
C SER A 219 9.89 42.26 -28.03
N ARG A 220 10.66 43.22 -27.53
CA ARG A 220 10.12 44.47 -26.97
C ARG A 220 10.95 45.66 -27.36
N ALA A 221 10.28 46.81 -27.52
CA ALA A 221 10.96 48.05 -27.81
C ALA A 221 12.05 48.23 -26.76
N ARG A 222 13.24 48.56 -27.23
CA ARG A 222 14.46 48.63 -26.41
C ARG A 222 14.34 49.50 -25.15
N ALA A 223 13.59 50.59 -25.25
CA ALA A 223 13.41 51.53 -24.16
C ALA A 223 12.52 50.98 -23.06
N THR A 224 11.53 50.16 -23.43
CA THR A 224 10.57 49.61 -22.44
C THR A 224 11.26 48.82 -21.33
N LEU A 225 12.19 47.93 -21.74
CA LEU A 225 12.92 47.03 -20.83
C LEU A 225 14.04 47.71 -20.03
N HIS A 226 14.30 49.01 -20.28
CA HIS A 226 15.45 49.73 -19.73
C HIS A 226 16.74 49.18 -20.31
N ASN A 227 16.68 48.70 -21.55
CA ASN A 227 17.83 48.06 -22.21
C ASN A 227 18.44 46.85 -21.49
N TRP A 228 17.67 46.30 -20.54
CA TRP A 228 18.13 45.23 -19.68
C TRP A 228 17.62 43.90 -20.20
N ALA A 229 18.11 43.55 -21.39
CA ALA A 229 17.72 42.32 -22.10
C ALA A 229 18.72 42.05 -23.23
N ILE A 230 18.70 40.85 -23.78
CA ILE A 230 19.59 40.53 -24.91
C ILE A 230 19.08 41.20 -26.19
N PRO A 231 19.97 41.81 -26.97
CA PRO A 231 19.51 42.39 -28.24
C PRO A 231 19.05 41.35 -29.27
N VAL A 232 17.95 41.63 -29.94
CA VAL A 232 17.55 40.85 -31.09
C VAL A 232 18.66 40.96 -32.15
N PRO A 233 19.19 39.81 -32.61
CA PRO A 233 20.19 39.79 -33.66
C PRO A 233 19.71 40.50 -34.92
N GLY A 234 20.52 41.43 -35.43
CA GLY A 234 20.17 42.16 -36.64
C GLY A 234 19.20 43.30 -36.42
N ASN A 235 18.84 43.57 -35.17
CA ASN A 235 17.96 44.70 -34.88
C ASN A 235 18.17 45.19 -33.45
N PRO A 236 19.27 45.91 -33.20
CA PRO A 236 19.58 46.48 -31.89
C PRO A 236 18.45 47.29 -31.29
N ASP A 237 17.54 47.80 -32.12
CA ASP A 237 16.36 48.52 -31.63
C ASP A 237 15.47 47.65 -30.73
N HIS A 238 15.65 46.34 -30.83
CA HIS A 238 14.81 45.39 -30.11
C HIS A 238 15.55 44.56 -29.12
N CYS A 239 14.81 44.11 -28.10
CA CYS A 239 15.36 43.21 -27.09
C CYS A 239 14.52 41.92 -27.08
N VAL A 240 15.16 40.76 -26.93
CA VAL A 240 14.43 39.48 -26.99
C VAL A 240 13.62 39.23 -25.70
N TYR A 241 12.37 38.82 -25.89
CA TYR A 241 11.41 38.57 -24.81
C TYR A 241 12.01 37.76 -23.70
N VAL A 242 12.01 38.32 -22.49
CA VAL A 242 12.61 37.67 -21.33
C VAL A 242 12.26 36.19 -21.20
N TRP A 243 11.08 35.79 -21.65
CA TRP A 243 10.67 34.41 -21.47
C TRP A 243 11.31 33.49 -22.47
N LEU A 244 11.48 33.93 -23.71
CA LEU A 244 12.28 33.16 -24.68
C LEU A 244 13.73 33.06 -24.17
N ASP A 245 14.29 34.19 -23.79
CA ASP A 245 15.56 34.26 -23.05
C ASP A 245 15.59 33.24 -21.89
N ALA A 246 14.57 33.25 -21.02
CA ALA A 246 14.53 32.38 -19.84
C ALA A 246 14.47 30.90 -20.20
N LEU A 247 13.40 30.50 -20.88
CA LEU A 247 13.24 29.12 -21.35
C LEU A 247 14.54 28.53 -21.93
N THR A 248 15.28 29.34 -22.68
CA THR A 248 16.51 28.87 -23.31
C THR A 248 17.60 28.46 -22.32
N ASN A 249 17.45 28.76 -21.02
CA ASN A 249 18.46 28.31 -20.04
C ASN A 249 18.59 26.79 -20.06
N TYR A 250 17.48 26.11 -20.37
CA TYR A 250 17.48 24.66 -20.38
C TYR A 250 18.41 24.14 -21.49
N LEU A 251 18.37 24.80 -22.64
CA LEU A 251 19.26 24.45 -23.78
C LEU A 251 20.72 24.81 -23.48
N THR A 252 20.93 26.03 -23.01
CA THR A 252 22.24 26.49 -22.55
C THR A 252 22.87 25.50 -21.59
N GLY A 253 22.21 25.27 -20.45
CA GLY A 253 22.68 24.33 -19.45
C GLY A 253 23.06 22.99 -20.04
N SER A 254 22.26 22.51 -21.00
CA SER A 254 22.52 21.22 -21.62
C SER A 254 23.74 21.21 -22.56
N ARG A 255 24.30 22.39 -22.84
CA ARG A 255 25.48 22.53 -23.70
C ARG A 255 26.78 22.94 -23.00
N LEU A 256 26.74 23.21 -21.70
CA LEU A 256 27.90 23.71 -20.97
C LEU A 256 28.70 22.61 -20.27
N ARG A 257 29.96 22.44 -20.65
CA ARG A 257 30.90 21.65 -19.87
C ARG A 257 31.23 22.40 -18.59
N VAL A 258 31.04 21.73 -17.46
CA VAL A 258 31.25 22.31 -16.14
C VAL A 258 32.39 21.59 -15.42
N ASP A 259 33.27 22.34 -14.74
CA ASP A 259 34.43 21.75 -14.04
C ASP A 259 34.08 21.26 -12.63
N GLU A 260 35.03 20.58 -11.99
CA GLU A 260 34.78 19.85 -10.73
C GLU A 260 34.13 20.69 -9.61
N SER A 261 34.47 21.98 -9.55
CA SER A 261 33.92 22.88 -8.53
C SER A 261 32.70 23.70 -9.00
N GLY A 262 32.16 23.37 -10.17
CA GLY A 262 30.83 23.85 -10.58
C GLY A 262 30.79 25.14 -11.36
N LYS A 263 31.75 25.31 -12.27
CA LYS A 263 31.86 26.51 -13.10
C LYS A 263 31.91 26.12 -14.58
N GLU A 264 31.19 26.89 -15.41
CA GLU A 264 31.29 26.75 -16.87
C GLU A 264 32.74 26.77 -17.37
N VAL A 265 33.02 25.95 -18.37
CA VAL A 265 34.33 26.04 -19.04
C VAL A 265 34.17 26.15 -20.56
N SER A 266 33.20 25.44 -21.13
CA SER A 266 32.97 25.53 -22.58
C SER A 266 31.50 25.59 -22.86
N LEU A 267 31.18 26.03 -24.07
CA LEU A 267 29.84 25.91 -24.58
C LEU A 267 29.99 25.08 -25.82
N VAL A 268 29.46 23.87 -25.80
CA VAL A 268 29.50 22.99 -26.95
C VAL A 268 28.59 23.49 -28.09
N ASP A 269 28.99 23.30 -29.35
CA ASP A 269 28.15 23.66 -30.49
C ASP A 269 26.90 22.80 -30.54
N ASP A 270 27.10 21.48 -30.44
CA ASP A 270 26.05 20.49 -30.66
C ASP A 270 25.64 19.89 -29.32
N PHE A 271 24.37 20.07 -28.95
CA PHE A 271 23.86 19.57 -27.68
C PHE A 271 24.03 18.05 -27.47
N ASN A 272 24.23 17.30 -28.56
CA ASN A 272 24.40 15.85 -28.47
C ASN A 272 25.69 15.51 -27.76
N GLU A 273 26.72 16.29 -28.03
CA GLU A 273 28.05 16.06 -27.46
C GLU A 273 28.01 15.80 -25.95
N LEU A 274 27.17 16.53 -25.21
CA LEU A 274 27.05 16.31 -23.77
C LEU A 274 25.97 15.29 -23.39
N GLU A 275 25.03 15.04 -24.31
CA GLU A 275 24.00 14.00 -24.15
C GLU A 275 22.92 14.33 -23.13
N ARG A 276 22.66 15.60 -22.84
CA ARG A 276 21.67 15.96 -21.79
C ARG A 276 20.31 16.33 -22.34
N PHE A 277 20.34 17.06 -23.46
CA PHE A 277 19.12 17.60 -24.03
C PHE A 277 18.38 16.51 -24.83
N PRO A 278 17.03 16.52 -24.80
CA PRO A 278 16.10 17.37 -24.04
C PRO A 278 15.92 16.96 -22.59
N ALA A 279 15.54 17.92 -21.76
CA ALA A 279 15.18 17.69 -20.36
C ALA A 279 14.26 16.50 -20.26
N ASP A 280 14.59 15.56 -19.39
CA ASP A 280 13.72 14.45 -19.09
C ASP A 280 12.53 14.83 -18.19
N VAL A 281 12.78 15.76 -17.25
CA VAL A 281 11.76 16.28 -16.34
C VAL A 281 12.02 17.77 -16.13
N HIS A 282 11.05 18.62 -16.49
CA HIS A 282 11.11 20.05 -16.19
C HIS A 282 10.23 20.25 -15.02
N VAL A 283 10.81 20.48 -13.83
CA VAL A 283 10.01 20.80 -12.63
C VAL A 283 9.58 22.26 -12.76
N ILE A 284 8.28 22.51 -12.68
CA ILE A 284 7.76 23.89 -12.68
C ILE A 284 6.67 24.09 -11.62
N GLY A 285 6.36 25.35 -11.32
CA GLY A 285 5.20 25.67 -10.47
C GLY A 285 3.96 25.87 -11.32
N LYS A 286 2.78 25.81 -10.70
CA LYS A 286 1.52 25.85 -11.46
C LYS A 286 1.32 27.18 -12.23
N ASP A 287 1.97 28.23 -11.74
CA ASP A 287 1.81 29.57 -12.30
C ASP A 287 2.52 29.84 -13.62
N ILE A 288 3.35 28.91 -14.07
CA ILE A 288 4.15 29.14 -15.28
C ILE A 288 3.97 28.00 -16.27
N LEU A 289 2.83 27.33 -16.20
CA LEU A 289 2.53 26.20 -17.08
C LEU A 289 2.61 26.53 -18.57
N LYS A 290 2.00 27.65 -18.96
CA LYS A 290 1.84 27.95 -20.40
C LYS A 290 3.18 28.12 -21.10
N PHE A 291 4.16 28.67 -20.39
CA PHE A 291 5.46 28.96 -21.01
C PHE A 291 6.18 27.65 -21.38
N HIS A 292 6.12 26.67 -20.47
CA HIS A 292 6.79 25.40 -20.62
C HIS A 292 6.03 24.40 -21.44
N ALA A 293 4.71 24.50 -21.44
CA ALA A 293 3.85 23.48 -22.04
C ALA A 293 3.30 23.91 -23.39
N ILE A 294 3.26 25.22 -23.65
CA ILE A 294 2.82 25.72 -24.95
C ILE A 294 3.94 26.43 -25.72
N TYR A 295 4.49 27.50 -25.14
CA TYR A 295 5.50 28.31 -25.82
C TYR A 295 6.77 27.48 -26.10
N TRP A 296 7.36 26.93 -25.05
CA TRP A 296 8.62 26.18 -25.14
C TRP A 296 8.56 25.13 -26.22
N PRO A 297 7.61 24.18 -26.12
CA PRO A 297 7.53 23.20 -27.21
C PRO A 297 7.48 23.85 -28.59
N ALA A 298 6.63 24.86 -28.78
CA ALA A 298 6.45 25.46 -30.11
C ALA A 298 7.75 26.05 -30.63
N PHE A 299 8.53 26.67 -29.74
CA PHE A 299 9.85 27.16 -30.11
C PHE A 299 10.72 26.01 -30.62
N LEU A 300 10.77 24.93 -29.85
CA LEU A 300 11.56 23.74 -30.16
C LEU A 300 11.15 23.09 -31.50
N LEU A 301 9.85 22.94 -31.71
CA LEU A 301 9.33 22.40 -32.97
C LEU A 301 9.77 23.28 -34.14
N SER A 302 9.71 24.61 -34.00
CA SER A 302 10.15 25.50 -35.07
C SER A 302 11.61 25.23 -35.46
N ALA A 303 12.52 25.26 -34.49
CA ALA A 303 13.94 25.07 -34.77
C ALA A 303 14.32 23.62 -35.04
N GLY A 304 13.37 22.71 -35.04
CA GLY A 304 13.67 21.31 -35.26
C GLY A 304 14.52 20.71 -34.15
N LEU A 305 14.17 21.01 -32.90
CA LEU A 305 14.84 20.45 -31.73
C LEU A 305 13.94 19.48 -30.97
N PRO A 306 14.55 18.52 -30.24
CA PRO A 306 13.78 17.51 -29.51
C PRO A 306 12.99 18.09 -28.36
N LEU A 307 11.75 17.63 -28.20
CA LEU A 307 10.87 18.18 -27.18
C LEU A 307 11.24 17.57 -25.84
N PRO A 308 10.95 18.28 -24.74
CA PRO A 308 11.23 17.65 -23.46
C PRO A 308 10.38 16.39 -23.31
N LYS A 309 10.77 15.53 -22.38
CA LYS A 309 10.06 14.29 -22.20
C LYS A 309 8.89 14.42 -21.24
N LYS A 310 9.04 15.24 -20.20
CA LYS A 310 7.88 15.58 -19.39
C LYS A 310 8.06 16.83 -18.53
N ILE A 311 6.95 17.56 -18.40
CA ILE A 311 6.83 18.75 -17.58
C ILE A 311 6.01 18.43 -16.33
N VAL A 312 6.52 18.75 -15.14
CA VAL A 312 5.82 18.44 -13.90
C VAL A 312 5.55 19.72 -13.12
N ALA A 313 4.27 20.10 -13.01
CA ALA A 313 3.89 21.32 -12.34
C ALA A 313 3.35 21.01 -10.97
N HIS A 314 4.11 21.33 -9.93
CA HIS A 314 3.62 21.15 -8.58
C HIS A 314 2.55 22.15 -8.23
N GLY A 315 1.98 22.03 -7.03
CA GLY A 315 0.85 22.85 -6.59
C GLY A 315 1.16 24.24 -6.03
N TRP A 316 2.43 24.50 -5.74
CA TRP A 316 2.85 25.83 -5.28
C TRP A 316 2.95 26.85 -6.38
N TRP A 317 3.08 28.11 -5.98
CA TRP A 317 3.52 29.19 -6.87
C TRP A 317 5.02 29.20 -6.95
N THR A 318 5.52 29.84 -7.99
CA THR A 318 6.96 30.03 -8.19
C THR A 318 7.39 31.40 -7.63
N LYS A 319 6.40 32.28 -7.41
CA LYS A 319 6.62 33.68 -7.05
C LYS A 319 5.62 34.11 -5.96
N ASP A 320 6.14 34.79 -4.92
CA ASP A 320 5.45 35.07 -3.64
C ASP A 320 3.96 35.38 -3.70
N ARG A 321 3.21 34.74 -2.78
CA ARG A 321 1.79 35.02 -2.54
C ARG A 321 1.49 34.86 -1.05
N LYS A 322 0.82 35.85 -0.46
CA LYS A 322 0.53 35.90 0.98
C LYS A 322 1.81 36.13 1.80
N VAL A 331 4.72 31.59 6.30
CA VAL A 331 5.37 32.03 7.53
C VAL A 331 6.77 31.39 7.68
N PHE A 332 7.54 31.35 6.57
CA PHE A 332 8.71 30.47 6.44
C PHE A 332 9.96 31.07 5.81
N ASP A 333 10.99 31.30 6.63
CA ASP A 333 12.35 31.42 6.10
C ASP A 333 12.90 30.00 5.98
N PRO A 334 13.34 29.62 4.78
CA PRO A 334 13.78 28.24 4.62
C PRO A 334 14.87 27.83 5.61
N VAL A 335 15.96 28.58 5.66
CA VAL A 335 17.11 28.21 6.49
C VAL A 335 16.82 28.35 7.99
N GLU A 336 16.05 29.36 8.39
CA GLU A 336 15.73 29.53 9.81
C GLU A 336 14.89 28.35 10.31
N LYS A 337 14.03 27.82 9.46
CA LYS A 337 13.21 26.66 9.83
C LYS A 337 14.05 25.38 9.85
N ALA A 338 14.94 25.23 8.88
CA ALA A 338 15.84 24.06 8.82
C ALA A 338 16.75 24.05 10.02
N GLU A 339 17.10 25.23 10.52
CA GLU A 339 17.93 25.36 11.71
C GLU A 339 17.14 25.05 13.00
N GLU A 340 15.86 25.40 13.06
CA GLU A 340 15.04 25.14 14.26
C GLU A 340 14.53 23.69 14.31
N PHE A 341 14.19 23.10 13.15
CA PHE A 341 13.54 21.78 13.09
C PHE A 341 14.39 20.66 12.49
N GLY A 342 15.34 21.02 11.61
CA GLY A 342 16.18 20.02 10.92
C GLY A 342 16.07 20.07 9.41
N TYR A 343 17.22 20.01 8.73
CA TYR A 343 17.31 20.06 7.27
C TYR A 343 16.62 18.88 6.51
N ASP A 344 16.85 17.65 6.94
CA ASP A 344 16.19 16.50 6.33
C ASP A 344 14.70 16.41 6.69
N ALA A 345 14.38 16.72 7.94
CA ALA A 345 13.00 16.72 8.41
C ALA A 345 12.18 17.77 7.68
N LEU A 346 12.76 18.94 7.44
CA LEU A 346 12.07 19.99 6.70
C LEU A 346 11.76 19.52 5.28
N LYS A 347 12.79 19.06 4.58
CA LYS A 347 12.62 18.56 3.21
C LYS A 347 11.58 17.45 3.15
N TYR A 348 11.66 16.55 4.13
CA TYR A 348 10.65 15.50 4.31
C TYR A 348 9.27 16.08 4.45
N PHE A 349 9.14 16.97 5.43
CA PHE A 349 7.85 17.57 5.70
C PHE A 349 7.27 18.24 4.47
N LEU A 350 8.07 19.06 3.79
CA LEU A 350 7.63 19.73 2.55
C LEU A 350 7.21 18.74 1.45
N LEU A 351 7.94 17.63 1.32
CA LEU A 351 7.63 16.66 0.27
C LEU A 351 6.42 15.79 0.63
N ARG A 352 6.33 15.41 1.89
CA ARG A 352 5.23 14.58 2.39
C ARG A 352 3.88 15.31 2.43
N GLU A 353 3.94 16.59 2.78
CA GLU A 353 2.72 17.36 3.07
C GLU A 353 2.04 17.94 1.83
N SER A 354 2.81 18.23 0.79
CA SER A 354 2.28 18.95 -0.38
C SER A 354 2.12 18.08 -1.61
N GLY A 355 0.88 17.96 -2.06
CA GLY A 355 0.60 17.23 -3.28
C GLY A 355 0.36 18.21 -4.41
N PHE A 356 -0.27 17.72 -5.46
CA PHE A 356 -0.38 18.47 -6.69
C PHE A 356 -1.51 19.50 -6.62
N SER A 357 -2.63 19.08 -6.04
CA SER A 357 -3.74 19.99 -5.76
C SER A 357 -3.51 20.65 -4.39
N ASP A 358 -2.40 20.26 -3.75
CA ASP A 358 -1.84 20.90 -2.54
C ASP A 358 -2.79 20.88 -1.31
N ASP A 359 -3.31 22.06 -0.89
CA ASP A 359 -4.15 22.20 0.32
C ASP A 359 -3.50 21.75 1.66
N GLY A 360 -2.17 21.78 1.71
CA GLY A 360 -1.45 21.24 2.86
C GLY A 360 -1.46 22.18 4.05
N ASP A 361 -1.22 21.62 5.23
CA ASP A 361 -1.15 22.36 6.48
C ASP A 361 0.31 22.36 6.94
N TYR A 362 0.89 23.56 7.08
CA TYR A 362 2.32 23.73 7.40
C TYR A 362 2.58 24.36 8.77
N SER A 363 1.59 24.30 9.65
CA SER A 363 1.72 24.89 10.99
C SER A 363 2.85 24.27 11.76
N ASP A 364 3.28 24.94 12.81
CA ASP A 364 4.21 24.34 13.76
C ASP A 364 3.64 23.06 14.40
N LYS A 365 2.33 23.00 14.58
CA LYS A 365 1.70 21.79 15.12
C LYS A 365 1.96 20.59 14.22
N ASN A 366 1.67 20.75 12.92
CA ASN A 366 1.71 19.63 11.99
C ASN A 366 3.13 19.16 11.69
N MET A 367 4.08 20.09 11.66
CA MET A 367 5.47 19.72 11.45
C MET A 367 5.98 18.90 12.60
N ILE A 368 5.59 19.27 13.82
CA ILE A 368 5.95 18.49 15.00
C ILE A 368 5.21 17.16 14.99
N ALA A 369 3.93 17.19 14.61
CA ALA A 369 3.15 15.96 14.49
C ALA A 369 3.84 14.89 13.63
N ARG A 370 4.37 15.29 12.47
CA ARG A 370 5.03 14.35 11.56
C ARG A 370 6.46 14.02 11.98
N LEU A 371 7.20 15.01 12.46
CA LEU A 371 8.53 14.78 13.00
C LEU A 371 8.43 13.66 14.02
N ASN A 372 7.54 13.83 14.99
CA ASN A 372 7.41 12.88 16.09
C ASN A 372 6.84 11.53 15.64
N GLY A 373 5.70 11.58 14.95
CA GLY A 373 4.99 10.37 14.57
C GLY A 373 5.67 9.54 13.50
N GLU A 374 6.15 10.19 12.46
CA GLU A 374 6.72 9.49 11.29
C GLU A 374 8.24 9.35 11.39
N LEU A 375 8.96 10.46 11.38
CA LEU A 375 10.43 10.40 11.39
C LEU A 375 10.94 9.79 12.69
N ALA A 376 10.38 10.19 13.83
CA ALA A 376 10.88 9.74 15.12
C ALA A 376 10.31 8.37 15.50
N ASP A 377 8.99 8.24 15.57
CA ASP A 377 8.36 6.99 16.08
C ASP A 377 8.28 5.82 15.09
N THR A 378 8.14 6.08 13.79
CA THR A 378 8.08 4.99 12.81
C THR A 378 9.47 4.58 12.32
N LEU A 379 10.20 5.54 11.77
CA LEU A 379 11.49 5.22 11.14
C LEU A 379 12.56 5.21 12.21
N GLY A 380 12.80 6.36 12.83
CA GLY A 380 13.81 6.50 13.87
C GLY A 380 13.78 5.37 14.90
N ASN A 381 12.59 5.05 15.36
CA ASN A 381 12.45 4.02 16.37
C ASN A 381 12.91 2.62 15.92
N LEU A 382 12.52 2.25 14.69
CA LEU A 382 12.87 0.94 14.15
C LEU A 382 14.37 0.75 14.13
N VAL A 383 15.09 1.82 13.80
CA VAL A 383 16.54 1.76 13.68
C VAL A 383 17.17 1.44 15.04
N MET A 384 16.65 2.03 16.11
CA MET A 384 17.19 1.82 17.44
C MET A 384 16.88 0.41 17.92
N ARG A 385 15.65 -0.06 17.70
CA ARG A 385 15.31 -1.45 18.08
C ARG A 385 16.26 -2.44 17.37
N CYS A 386 16.37 -2.35 16.04
CA CYS A 386 17.13 -3.36 15.28
C CYS A 386 18.64 -3.23 15.40
N THR A 387 19.13 -2.13 15.96
CA THR A 387 20.56 -1.97 16.32
C THR A 387 20.85 -1.96 17.83
N SER A 388 19.80 -1.99 18.64
CA SER A 388 19.93 -2.02 20.11
C SER A 388 20.95 -3.05 20.59
N ALA A 389 21.69 -2.69 21.65
CA ALA A 389 22.59 -3.62 22.37
C ALA A 389 21.78 -4.76 23.01
N LYS A 390 20.64 -4.40 23.57
CA LYS A 390 19.80 -5.37 24.26
C LYS A 390 19.15 -6.37 23.32
N ILE A 391 18.64 -5.92 22.17
CA ILE A 391 18.04 -6.86 21.21
C ILE A 391 19.13 -7.51 20.35
N ASN A 392 19.80 -6.70 19.53
CA ASN A 392 20.84 -7.19 18.65
C ASN A 392 22.13 -7.32 19.47
N VAL A 393 22.25 -8.46 20.15
CA VAL A 393 23.28 -8.67 21.18
C VAL A 393 24.70 -8.76 20.65
N ASN A 394 24.89 -9.16 19.39
CA ASN A 394 26.24 -9.27 18.83
C ASN A 394 26.63 -8.16 17.85
N GLY A 395 25.78 -7.14 17.72
CA GLY A 395 26.03 -6.03 16.78
C GLY A 395 26.41 -6.56 15.42
N GLU A 396 25.51 -7.35 14.85
CA GLU A 396 25.84 -8.23 13.75
C GLU A 396 24.54 -8.48 13.00
N TRP A 397 24.64 -8.69 11.69
CA TRP A 397 23.49 -9.17 10.93
C TRP A 397 23.42 -10.66 11.08
N PRO A 398 22.39 -11.18 11.76
CA PRO A 398 22.32 -12.62 11.92
C PRO A 398 21.78 -13.32 10.67
N SER A 399 22.12 -14.60 10.50
CA SER A 399 21.53 -15.44 9.46
C SER A 399 20.13 -15.77 9.90
N PRO A 400 19.14 -15.63 9.01
CA PRO A 400 17.79 -16.04 9.41
C PRO A 400 17.64 -17.56 9.36
N ALA A 401 16.78 -18.09 10.24
CA ALA A 401 16.36 -19.50 10.22
C ALA A 401 15.23 -19.63 9.21
N ALA A 402 14.31 -20.58 9.41
CA ALA A 402 13.17 -20.71 8.49
C ALA A 402 12.21 -19.53 8.71
N TYR A 403 11.46 -19.22 7.65
CA TYR A 403 10.50 -18.12 7.67
C TYR A 403 9.09 -18.64 7.95
N THR A 404 8.34 -17.97 8.83
CA THR A 404 6.94 -18.30 9.01
C THR A 404 6.16 -17.56 7.94
N GLU A 405 4.88 -17.89 7.74
CA GLU A 405 4.05 -17.15 6.77
C GLU A 405 3.98 -15.64 7.06
N GLU A 406 3.95 -15.26 8.34
CA GLU A 406 4.01 -13.85 8.68
C GLU A 406 5.35 -13.26 8.23
N ASP A 407 6.45 -13.93 8.54
CA ASP A 407 7.76 -13.47 8.09
C ASP A 407 7.71 -13.20 6.58
N GLU A 408 7.18 -14.16 5.82
CA GLU A 408 7.09 -14.05 4.38
C GLU A 408 6.24 -12.85 3.99
N SER A 409 5.05 -12.74 4.56
CA SER A 409 4.14 -11.60 4.26
C SER A 409 4.84 -10.26 4.29
N LEU A 410 5.61 -10.01 5.35
CA LEU A 410 6.38 -8.78 5.48
C LEU A 410 7.50 -8.74 4.44
N ILE A 411 8.18 -9.86 4.24
CA ILE A 411 9.25 -9.94 3.23
C ILE A 411 8.74 -9.62 1.83
N GLN A 412 7.49 -10.00 1.57
CA GLN A 412 6.89 -9.76 0.29
C GLN A 412 6.75 -8.28 0.11
N LEU A 413 6.25 -7.59 1.13
CA LEU A 413 6.12 -6.13 1.08
C LEU A 413 7.47 -5.46 0.76
N ILE A 414 8.50 -5.91 1.44
CA ILE A 414 9.82 -5.32 1.32
C ILE A 414 10.38 -5.62 -0.07
N LYS A 415 10.09 -6.80 -0.59
CA LYS A 415 10.48 -7.12 -1.96
C LYS A 415 9.72 -6.29 -2.99
N ASP A 416 8.45 -6.04 -2.73
CA ASP A 416 7.62 -5.31 -3.69
C ASP A 416 7.89 -3.77 -3.67
N LEU A 417 8.34 -3.25 -2.53
CA LEU A 417 8.48 -1.80 -2.30
C LEU A 417 9.32 -1.02 -3.30
N PRO A 418 10.46 -1.59 -3.75
CA PRO A 418 11.30 -0.83 -4.68
C PRO A 418 10.67 -0.61 -6.04
N GLY A 419 9.98 -1.63 -6.55
CA GLY A 419 9.28 -1.53 -7.80
C GLY A 419 8.21 -0.46 -7.76
N THR A 420 7.35 -0.50 -6.76
CA THR A 420 6.25 0.46 -6.67
C THR A 420 6.81 1.86 -6.36
N ALA A 421 7.63 2.01 -5.32
CA ALA A 421 8.26 3.31 -5.01
C ALA A 421 8.97 3.89 -6.24
N ASP A 422 9.60 3.03 -7.04
CA ASP A 422 10.26 3.46 -8.27
C ASP A 422 9.30 4.10 -9.29
N HIS A 423 8.18 3.43 -9.55
CA HIS A 423 7.18 4.03 -10.45
C HIS A 423 6.70 5.38 -9.94
N TYR A 424 6.46 5.51 -8.63
CA TYR A 424 6.03 6.80 -8.06
C TYR A 424 7.07 7.89 -8.27
N TYR A 425 8.32 7.52 -8.05
CA TYR A 425 9.45 8.40 -8.31
C TYR A 425 9.58 8.86 -9.77
N LEU A 426 9.09 8.02 -10.69
CA LEU A 426 9.15 8.29 -12.11
C LEU A 426 7.97 9.09 -12.67
N ILE A 427 6.84 9.12 -11.96
CA ILE A 427 5.65 9.88 -12.41
C ILE A 427 5.98 11.32 -12.85
N PRO A 428 6.61 12.13 -11.97
CA PRO A 428 7.08 11.95 -10.60
C PRO A 428 6.05 12.33 -9.54
N ASP A 429 6.03 11.61 -8.42
CA ASP A 429 5.14 11.95 -7.31
C ASP A 429 5.83 11.64 -5.98
N ILE A 430 6.73 12.52 -5.55
CA ILE A 430 7.50 12.32 -4.33
C ILE A 430 6.63 12.06 -3.10
N GLN A 431 5.45 12.69 -3.02
CA GLN A 431 4.52 12.41 -1.92
C GLN A 431 4.15 10.92 -1.89
N LYS A 432 3.56 10.43 -2.97
CA LYS A 432 3.15 9.03 -3.03
C LYS A 432 4.29 8.06 -2.65
N ALA A 433 5.45 8.22 -3.30
CA ALA A 433 6.64 7.45 -2.94
C ALA A 433 6.94 7.47 -1.42
N ILE A 434 6.95 8.64 -0.79
CA ILE A 434 7.20 8.66 0.65
C ILE A 434 6.09 7.88 1.39
N ILE A 435 4.85 7.96 0.90
CA ILE A 435 3.77 7.23 1.56
C ILE A 435 4.05 5.75 1.43
N ALA A 436 4.42 5.32 0.22
CA ALA A 436 4.67 3.90 -0.06
C ALA A 436 5.73 3.32 0.86
N VAL A 437 6.82 4.05 1.06
CA VAL A 437 7.88 3.55 1.93
C VAL A 437 7.40 3.46 3.37
N PHE A 438 6.83 4.55 3.88
CA PHE A 438 6.39 4.56 5.28
C PHE A 438 5.29 3.56 5.59
N ASP A 439 4.54 3.13 4.57
CA ASP A 439 3.60 2.00 4.72
C ASP A 439 4.33 0.72 5.07
N VAL A 440 5.41 0.43 4.37
CA VAL A 440 6.23 -0.74 4.67
C VAL A 440 6.87 -0.56 6.04
N LEU A 441 7.35 0.65 6.33
CA LEU A 441 7.88 0.94 7.66
C LEU A 441 6.86 0.63 8.75
N ARG A 442 5.65 1.18 8.60
CA ARG A 442 4.57 0.93 9.56
C ARG A 442 4.34 -0.56 9.75
N ALA A 443 4.30 -1.33 8.66
CA ALA A 443 4.21 -2.79 8.72
C ALA A 443 5.30 -3.38 9.64
N ILE A 444 6.54 -2.97 9.40
CA ILE A 444 7.69 -3.51 10.14
C ILE A 444 7.51 -3.29 11.64
N ASN A 445 7.04 -2.11 12.05
CA ASN A 445 6.80 -1.86 13.48
C ASN A 445 5.77 -2.84 14.02
N ALA A 446 4.65 -2.96 13.31
CA ALA A 446 3.58 -3.91 13.63
C ALA A 446 4.17 -5.31 13.78
N TYR A 447 5.01 -5.68 12.82
CA TYR A 447 5.68 -6.98 12.85
C TYR A 447 6.51 -7.10 14.11
N VAL A 448 7.31 -6.09 14.41
CA VAL A 448 8.25 -6.15 15.54
C VAL A 448 7.54 -6.12 16.91
N THR A 449 6.34 -5.51 16.97
CA THR A 449 5.50 -5.61 18.16
C THR A 449 4.99 -7.04 18.33
N ASP A 450 4.26 -7.55 17.33
CA ASP A 450 3.82 -8.96 17.35
C ASP A 450 4.92 -9.86 17.89
N MET A 451 6.11 -9.72 17.33
CA MET A 451 7.21 -10.66 17.55
C MET A 451 7.96 -10.46 18.85
N ALA A 452 7.90 -9.27 19.43
CA ALA A 452 8.50 -9.00 20.75
C ALA A 452 9.94 -9.50 20.91
N PRO A 453 10.85 -9.07 20.01
CA PRO A 453 12.26 -9.48 20.05
C PRO A 453 12.90 -9.43 21.45
N TRP A 454 12.63 -8.33 22.18
CA TRP A 454 13.07 -8.17 23.58
C TRP A 454 12.72 -9.34 24.44
N LYS A 455 11.61 -10.02 24.15
CA LYS A 455 11.29 -11.29 24.81
C LYS A 455 12.09 -12.47 24.20
N LEU A 456 12.30 -12.45 22.90
CA LEU A 456 12.96 -13.58 22.23
C LEU A 456 14.46 -13.75 22.51
N VAL A 457 15.18 -12.69 22.91
CA VAL A 457 16.64 -12.81 23.13
C VAL A 457 16.90 -13.94 24.11
N LYS A 458 15.95 -14.09 25.03
CA LYS A 458 16.04 -14.99 26.18
C LYS A 458 15.37 -16.34 25.85
N THR A 459 14.15 -16.29 25.32
CA THR A 459 13.38 -17.50 25.02
C THR A 459 13.88 -18.31 23.80
N ASP A 460 13.99 -17.66 22.64
CA ASP A 460 14.20 -18.37 21.38
C ASP A 460 15.22 -17.62 20.53
N PRO A 461 16.51 -17.72 20.89
CA PRO A 461 17.62 -17.18 20.10
C PRO A 461 17.53 -17.50 18.63
N GLU A 462 17.13 -18.72 18.29
CA GLU A 462 17.02 -19.11 16.89
C GLU A 462 15.93 -18.33 16.16
N ARG A 463 14.84 -18.02 16.87
CA ARG A 463 13.76 -17.23 16.28
C ARG A 463 14.21 -15.81 16.05
N LEU A 464 14.75 -15.20 17.12
CA LEU A 464 15.27 -13.83 17.09
C LEU A 464 16.19 -13.53 15.92
N ARG A 465 16.97 -14.52 15.50
CA ARG A 465 17.76 -14.40 14.28
C ARG A 465 16.89 -14.05 13.06
N THR A 466 15.88 -14.87 12.77
CA THR A 466 15.00 -14.62 11.61
C THR A 466 14.39 -13.20 11.67
N VAL A 467 13.75 -12.89 12.81
CA VAL A 467 13.15 -11.58 13.05
C VAL A 467 14.13 -10.42 12.86
N LEU A 468 15.25 -10.48 13.54
CA LEU A 468 16.22 -9.39 13.52
C LEU A 468 16.67 -9.15 12.09
N TYR A 469 17.02 -10.23 11.40
CA TYR A 469 17.45 -10.13 10.03
C TYR A 469 16.42 -9.37 9.17
N ILE A 470 15.14 -9.76 9.29
CA ILE A 470 14.08 -9.14 8.50
C ILE A 470 13.89 -7.66 8.85
N THR A 471 13.87 -7.33 10.13
CA THR A 471 13.81 -5.92 10.54
C THR A 471 14.94 -5.10 9.89
N LEU A 472 16.16 -5.60 10.03
CA LEU A 472 17.34 -4.89 9.53
C LEU A 472 17.23 -4.64 8.03
N GLU A 473 16.95 -5.72 7.30
CA GLU A 473 16.85 -5.67 5.86
C GLU A 473 15.65 -4.85 5.42
N GLY A 474 14.60 -4.85 6.24
CA GLY A 474 13.49 -3.94 6.02
C GLY A 474 13.95 -2.50 6.16
N VAL A 475 14.52 -2.18 7.32
CA VAL A 475 15.02 -0.85 7.60
C VAL A 475 16.02 -0.39 6.53
N ARG A 476 16.88 -1.31 6.08
CA ARG A 476 17.85 -0.96 5.04
C ARG A 476 17.18 -0.49 3.76
N VAL A 477 16.26 -1.30 3.22
CA VAL A 477 15.66 -0.99 1.92
C VAL A 477 14.77 0.25 2.00
N THR A 478 13.93 0.35 3.02
CA THR A 478 13.11 1.56 3.18
C THR A 478 14.06 2.75 3.18
N THR A 479 15.12 2.68 3.97
CA THR A 479 16.12 3.74 4.04
C THR A 479 16.76 4.08 2.68
N LEU A 480 17.10 3.07 1.87
CA LEU A 480 17.64 3.31 0.53
C LEU A 480 16.66 4.08 -0.35
N LEU A 481 15.40 3.69 -0.31
CA LEU A 481 14.36 4.41 -1.06
C LEU A 481 14.03 5.78 -0.46
N LEU A 482 14.38 6.02 0.80
CA LEU A 482 14.26 7.37 1.39
C LEU A 482 15.48 8.29 1.22
N SER A 483 16.58 7.78 0.66
CA SER A 483 17.82 8.56 0.53
C SER A 483 17.64 9.88 -0.17
N PRO A 484 16.90 9.89 -1.30
CA PRO A 484 16.75 11.18 -1.94
C PRO A 484 16.02 12.22 -1.08
N ILE A 485 15.15 11.78 -0.17
CA ILE A 485 14.43 12.70 0.72
C ILE A 485 15.24 13.04 1.96
N LEU A 486 15.85 12.06 2.59
CA LEU A 486 16.66 12.27 3.77
C LEU A 486 18.11 11.89 3.44
N PRO A 487 18.85 12.81 2.79
CA PRO A 487 20.18 12.42 2.32
C PRO A 487 21.20 12.30 3.43
N ARG A 488 21.21 13.26 4.34
CA ARG A 488 22.13 13.21 5.49
C ARG A 488 21.74 12.10 6.50
N LYS A 489 20.44 11.86 6.65
CA LYS A 489 19.99 10.94 7.64
C LYS A 489 20.10 9.51 7.19
N SER A 490 19.99 9.25 5.89
CA SER A 490 20.24 7.89 5.40
C SER A 490 21.68 7.49 5.72
N VAL A 491 22.62 8.43 5.58
CA VAL A 491 24.02 8.12 5.84
C VAL A 491 24.18 7.68 7.29
N VAL A 492 23.53 8.37 8.22
CA VAL A 492 23.64 7.99 9.63
C VAL A 492 23.05 6.60 9.89
N ILE A 493 21.86 6.37 9.36
CA ILE A 493 21.22 5.05 9.42
C ILE A 493 22.13 3.92 8.89
N PHE A 494 22.74 4.14 7.73
CA PHE A 494 23.58 3.09 7.15
C PHE A 494 24.80 2.82 8.01
N ASP A 495 25.42 3.87 8.54
CA ASP A 495 26.57 3.69 9.41
C ASP A 495 26.18 2.86 10.62
N MET A 496 25.08 3.24 11.28
CA MET A 496 24.54 2.46 12.38
C MET A 496 24.36 0.99 12.01
N LEU A 497 23.73 0.74 10.87
CA LEU A 497 23.50 -0.64 10.39
C LEU A 497 24.76 -1.34 9.90
N GLY A 498 25.81 -0.57 9.57
CA GLY A 498 27.05 -1.12 9.08
C GLY A 498 26.99 -1.52 7.61
N VAL A 499 26.17 -0.82 6.83
CA VAL A 499 26.04 -1.13 5.41
C VAL A 499 27.27 -0.63 4.68
N PRO A 500 27.99 -1.53 3.98
CA PRO A 500 29.12 -1.08 3.15
C PRO A 500 28.71 -0.04 2.11
N GLU A 501 29.65 0.83 1.75
CA GLU A 501 29.40 1.94 0.83
C GLU A 501 28.90 1.49 -0.53
N VAL A 502 29.36 0.33 -0.99
CA VAL A 502 28.99 -0.21 -2.31
C VAL A 502 27.54 -0.67 -2.38
N HIS A 503 26.93 -0.86 -1.21
CA HIS A 503 25.55 -1.30 -1.13
C HIS A 503 24.59 -0.17 -0.91
N ARG A 504 25.08 1.08 -0.89
CA ARG A 504 24.23 2.23 -0.55
C ARG A 504 23.60 2.89 -1.76
N LYS A 505 23.67 2.21 -2.91
CA LYS A 505 23.39 2.83 -4.19
C LYS A 505 23.40 1.71 -5.20
N GLY A 506 22.64 1.85 -6.28
CA GLY A 506 22.56 0.85 -7.36
C GLY A 506 21.38 -0.07 -7.20
N ILE A 507 20.63 -0.29 -8.28
CA ILE A 507 19.43 -1.15 -8.30
C ILE A 507 19.72 -2.60 -7.90
N GLU A 508 20.97 -3.00 -8.04
CA GLU A 508 21.43 -4.25 -7.48
C GLU A 508 20.99 -4.35 -6.03
N ASN A 509 21.08 -3.23 -5.31
CA ASN A 509 20.84 -3.20 -3.87
C ASN A 509 19.44 -2.77 -3.49
N PHE A 510 18.53 -2.82 -4.45
CA PHE A 510 17.10 -2.81 -4.16
C PHE A 510 16.68 -4.21 -3.75
N GLU A 511 17.44 -5.21 -4.20
CA GLU A 511 17.18 -6.60 -3.88
C GLU A 511 17.30 -6.90 -2.38
N PHE A 512 16.29 -7.62 -1.88
CA PHE A 512 16.24 -8.14 -0.52
C PHE A 512 17.40 -9.09 -0.34
N GLY A 513 18.20 -8.86 0.70
CA GLY A 513 19.35 -9.71 1.05
C GLY A 513 20.62 -9.37 0.32
N ALA A 514 20.82 -8.10 0.02
CA ALA A 514 21.97 -7.64 -0.76
C ALA A 514 23.15 -7.42 0.17
N VAL A 515 22.86 -7.06 1.41
CA VAL A 515 23.86 -7.00 2.47
C VAL A 515 23.79 -8.32 3.21
N PRO A 516 24.90 -9.09 3.20
CA PRO A 516 24.84 -10.45 3.69
C PRO A 516 25.00 -10.53 5.20
N PRO A 517 24.51 -11.63 5.82
CA PRO A 517 24.64 -11.82 7.26
C PRO A 517 26.10 -12.02 7.64
N GLY A 518 26.46 -11.54 8.83
CA GLY A 518 27.85 -11.46 9.21
C GLY A 518 28.32 -10.02 9.25
N THR A 519 27.72 -9.14 8.45
CA THR A 519 28.09 -7.72 8.47
C THR A 519 28.00 -7.20 9.90
N ARG A 520 28.95 -6.36 10.30
CA ARG A 520 28.98 -5.79 11.66
C ARG A 520 28.41 -4.38 11.66
N LEU A 521 27.72 -4.02 12.75
CA LEU A 521 27.10 -2.69 12.87
C LEU A 521 28.16 -1.62 13.17
N GLY A 522 27.78 -0.35 13.00
CA GLY A 522 28.68 0.76 13.32
C GLY A 522 28.66 1.09 14.82
N PRO A 523 29.72 1.76 15.32
CA PRO A 523 29.78 2.18 16.72
C PRO A 523 28.61 3.05 17.20
N ALA A 524 28.31 3.00 18.49
CA ALA A 524 27.21 3.77 19.10
C ALA A 524 27.75 4.89 20.00
N VAL A 525 26.88 5.83 20.41
CA VAL A 525 27.22 6.88 21.39
C VAL A 525 26.17 6.95 22.52
N GLU A 526 26.66 7.07 23.76
CA GLU A 526 25.80 6.97 24.97
C GLU A 526 24.82 8.14 25.11
N GLY A 527 23.68 8.03 24.43
CA GLY A 527 22.70 9.11 24.34
C GLY A 527 22.28 9.43 22.91
N GLU A 528 23.07 8.97 21.94
CA GLU A 528 22.85 9.18 20.49
C GLU A 528 21.40 8.97 20.03
N VAL A 529 20.89 9.93 19.26
CA VAL A 529 19.53 9.86 18.71
C VAL A 529 19.52 10.30 17.23
N LEU A 530 18.55 9.77 16.48
CA LEU A 530 18.49 9.94 15.03
C LEU A 530 17.54 11.09 14.66
N PHE A 531 16.30 11.02 15.17
CA PHE A 531 15.36 12.13 15.13
C PHE A 531 14.81 12.31 16.53
N SER A 532 15.08 13.46 17.16
CA SER A 532 14.64 13.70 18.56
C SER A 532 13.34 14.50 18.60
N LYS A 533 12.37 14.02 19.37
CA LYS A 533 11.02 14.58 19.37
C LYS A 533 11.00 16.05 19.74
N ARG A 534 10.00 16.80 19.26
CA ARG A 534 9.85 18.22 19.61
C ARG A 534 8.81 18.42 20.69
N SER A 535 8.91 19.58 21.35
CA SER A 535 8.26 19.83 22.63
C SER A 535 6.74 19.67 22.61
N THR A 536 6.20 19.28 23.78
CA THR A 536 4.77 18.96 23.96
C THR A 536 4.22 19.64 25.21
N GLY B 1 5.30 -9.86 -7.39
CA GLY B 1 5.53 -10.84 -6.28
C GLY B 1 4.61 -12.07 -6.35
N PRO B 2 5.13 -13.20 -6.87
CA PRO B 2 4.33 -14.44 -6.96
C PRO B 2 3.89 -14.96 -5.61
N GLY B 3 2.63 -15.40 -5.53
CA GLY B 3 2.12 -16.05 -4.34
C GLY B 3 2.65 -17.47 -4.24
N SER B 4 2.18 -18.18 -3.23
CA SER B 4 2.62 -19.55 -2.99
C SER B 4 1.95 -20.52 -3.98
N MET B 5 2.56 -21.70 -4.13
CA MET B 5 2.00 -22.76 -4.96
C MET B 5 0.76 -23.32 -4.34
N LYS B 6 0.01 -24.08 -5.14
CA LYS B 6 -1.11 -24.86 -4.63
C LYS B 6 -0.53 -26.05 -3.86
N VAL B 7 -1.14 -26.40 -2.74
CA VAL B 7 -0.82 -27.65 -2.06
C VAL B 7 -1.20 -28.84 -2.96
N GLU B 8 -0.43 -29.92 -2.90
CA GLU B 8 -0.76 -31.15 -3.66
C GLU B 8 -1.89 -31.91 -2.98
N LYS B 9 -1.88 -31.93 -1.63
CA LYS B 9 -2.91 -32.60 -0.85
C LYS B 9 -4.22 -31.84 -0.86
N VAL B 10 -5.26 -32.42 -0.27
CA VAL B 10 -6.52 -31.70 -0.08
C VAL B 10 -6.39 -30.81 1.15
N PHE B 11 -6.61 -29.52 0.94
CA PHE B 11 -6.50 -28.54 2.00
C PHE B 11 -7.65 -28.74 2.96
N PHE B 12 -7.31 -29.20 4.15
CA PHE B 12 -8.26 -29.56 5.18
C PHE B 12 -8.35 -28.39 6.18
N VAL B 13 -9.54 -27.79 6.32
CA VAL B 13 -9.73 -26.72 7.31
C VAL B 13 -10.94 -27.00 8.19
N THR B 14 -10.75 -26.83 9.50
CA THR B 14 -11.76 -27.20 10.49
C THR B 14 -12.20 -26.00 11.31
N SER B 15 -13.46 -26.05 11.73
CA SER B 15 -13.95 -25.25 12.83
C SER B 15 -14.00 -26.24 13.96
N PRO B 16 -14.22 -25.76 15.20
CA PRO B 16 -14.46 -26.72 16.25
C PRO B 16 -15.89 -27.19 16.17
N ILE B 17 -16.12 -28.40 16.68
CA ILE B 17 -17.45 -28.93 16.84
C ILE B 17 -18.06 -28.33 18.10
N TYR B 18 -19.32 -27.90 18.02
CA TYR B 18 -19.95 -27.11 19.06
C TYR B 18 -20.91 -27.93 19.94
N TYR B 19 -21.06 -27.51 21.20
CA TYR B 19 -21.81 -28.26 22.21
C TYR B 19 -23.31 -27.96 22.19
N VAL B 20 -24.10 -29.04 22.10
CA VAL B 20 -25.55 -29.00 21.89
C VAL B 20 -26.39 -28.73 23.16
N ASN B 21 -25.75 -28.24 24.23
CA ASN B 21 -26.51 -27.76 25.38
C ASN B 21 -26.86 -26.27 25.25
N ALA B 22 -26.70 -25.71 24.05
CA ALA B 22 -26.95 -24.29 23.78
C ALA B 22 -27.45 -24.16 22.35
N ALA B 23 -28.26 -23.14 22.10
CA ALA B 23 -28.72 -22.83 20.74
C ALA B 23 -27.57 -22.15 19.98
N PRO B 24 -27.52 -22.31 18.65
CA PRO B 24 -26.52 -21.56 17.88
C PRO B 24 -26.50 -20.09 18.26
N HIS B 25 -25.32 -19.48 18.22
CA HIS B 25 -25.19 -18.07 18.51
C HIS B 25 -23.95 -17.52 17.84
N ILE B 26 -23.63 -16.25 18.07
CA ILE B 26 -22.60 -15.58 17.29
C ILE B 26 -21.20 -16.23 17.42
N GLY B 27 -20.90 -16.80 18.59
CA GLY B 27 -19.64 -17.51 18.79
C GLY B 27 -19.36 -18.55 17.72
N HIS B 28 -20.33 -19.43 17.50
CA HIS B 28 -20.22 -20.49 16.49
C HIS B 28 -20.30 -19.93 15.12
N VAL B 29 -21.18 -18.97 14.92
CA VAL B 29 -21.40 -18.42 13.59
C VAL B 29 -20.12 -17.79 13.04
N TYR B 30 -19.37 -17.13 13.91
CA TYR B 30 -18.09 -16.50 13.54
C TYR B 30 -16.99 -17.55 13.27
N SER B 31 -16.80 -18.44 14.24
CA SER B 31 -15.82 -19.50 14.11
C SER B 31 -15.96 -20.22 12.78
N THR B 32 -17.19 -20.53 12.40
CA THR B 32 -17.45 -21.21 11.13
C THR B 32 -17.36 -20.27 9.92
N LEU B 33 -17.63 -18.98 10.13
CA LEU B 33 -17.40 -17.96 9.12
C LEU B 33 -15.93 -17.99 8.68
N ILE B 34 -15.02 -17.98 9.65
CA ILE B 34 -13.58 -18.04 9.38
C ILE B 34 -13.18 -19.30 8.66
N THR B 35 -13.66 -20.44 9.16
CA THR B 35 -13.44 -21.72 8.50
C THR B 35 -13.96 -21.64 7.08
N ASP B 36 -15.15 -21.11 6.89
CA ASP B 36 -15.72 -21.05 5.56
C ASP B 36 -14.81 -20.22 4.66
N VAL B 37 -14.51 -19.01 5.09
CA VAL B 37 -13.71 -18.10 4.30
C VAL B 37 -12.36 -18.74 3.89
N ILE B 38 -11.56 -19.17 4.86
CA ILE B 38 -10.29 -19.85 4.56
C ILE B 38 -10.48 -20.95 3.54
N GLY B 39 -11.51 -21.76 3.75
CA GLY B 39 -11.88 -22.82 2.80
C GLY B 39 -12.14 -22.24 1.42
N ARG B 40 -13.08 -21.30 1.37
CA ARG B 40 -13.42 -20.61 0.13
C ARG B 40 -12.21 -20.07 -0.63
N TYR B 41 -11.26 -19.47 0.09
CA TYR B 41 -10.07 -18.89 -0.55
C TYR B 41 -9.31 -19.96 -1.34
N HIS B 42 -9.01 -21.04 -0.64
CA HIS B 42 -8.22 -22.12 -1.23
C HIS B 42 -8.94 -22.79 -2.36
N ARG B 43 -10.27 -22.66 -2.41
CA ARG B 43 -11.02 -23.10 -3.58
C ARG B 43 -10.82 -22.10 -4.74
N VAL B 44 -10.81 -20.81 -4.42
CA VAL B 44 -10.56 -19.77 -5.44
C VAL B 44 -9.14 -19.96 -6.04
N LYS B 45 -8.21 -20.30 -5.16
CA LYS B 45 -6.83 -20.58 -5.54
C LYS B 45 -6.80 -21.74 -6.53
N GLY B 46 -7.76 -22.65 -6.40
CA GLY B 46 -7.87 -23.81 -7.30
C GLY B 46 -7.34 -25.10 -6.69
N GLU B 47 -7.45 -25.24 -5.37
CA GLU B 47 -6.97 -26.41 -4.64
C GLU B 47 -8.17 -27.22 -4.20
N ARG B 48 -7.99 -28.54 -4.12
CA ARG B 48 -8.99 -29.39 -3.48
C ARG B 48 -9.11 -29.00 -1.99
N VAL B 49 -10.34 -28.82 -1.53
CA VAL B 49 -10.60 -28.33 -0.18
C VAL B 49 -11.66 -29.17 0.53
N PHE B 50 -11.43 -29.45 1.81
CA PHE B 50 -12.41 -30.14 2.64
C PHE B 50 -12.57 -29.35 3.94
N ALA B 51 -13.73 -28.71 4.10
CA ALA B 51 -13.99 -27.85 5.26
C ALA B 51 -14.93 -28.56 6.24
N LEU B 52 -14.50 -28.77 7.47
CA LEU B 52 -15.27 -29.58 8.45
C LEU B 52 -15.80 -28.73 9.61
N THR B 53 -17.06 -28.98 9.97
CA THR B 53 -17.68 -28.33 11.14
C THR B 53 -18.65 -29.35 11.75
N GLY B 54 -19.18 -29.10 12.94
CA GLY B 54 -20.16 -30.04 13.50
C GLY B 54 -20.44 -29.95 14.98
N THR B 55 -21.00 -31.01 15.56
CA THR B 55 -21.46 -30.96 16.95
C THR B 55 -20.88 -32.02 17.86
N ASP B 56 -20.47 -31.55 19.03
CA ASP B 56 -20.10 -32.35 20.20
C ASP B 56 -21.41 -32.67 20.92
N GLU B 57 -21.78 -33.95 20.99
CA GLU B 57 -23.15 -34.33 21.44
C GLU B 57 -23.29 -35.16 22.75
N HIS B 58 -22.18 -35.70 23.24
CA HIS B 58 -22.16 -36.51 24.44
C HIS B 58 -21.94 -35.65 25.66
N GLY B 59 -22.11 -36.25 26.85
CA GLY B 59 -21.88 -35.55 28.10
C GLY B 59 -23.01 -35.60 29.11
N GLN B 60 -22.64 -35.53 30.38
CA GLN B 60 -23.58 -35.41 31.48
C GLN B 60 -24.57 -34.24 31.33
N LYS B 61 -24.11 -33.15 30.74
CA LYS B 61 -24.96 -31.96 30.55
C LYS B 61 -25.96 -32.08 29.38
N VAL B 62 -25.58 -32.72 28.28
CA VAL B 62 -26.53 -32.93 27.20
C VAL B 62 -27.61 -33.86 27.71
N ALA B 63 -27.22 -34.87 28.48
CA ALA B 63 -28.17 -35.82 29.04
C ALA B 63 -29.19 -35.11 29.90
N GLU B 64 -28.70 -34.36 30.89
CA GLU B 64 -29.60 -33.61 31.77
C GLU B 64 -30.43 -32.59 30.99
N ALA B 65 -29.83 -31.95 29.99
CA ALA B 65 -30.55 -31.06 29.07
C ALA B 65 -31.74 -31.73 28.40
N ALA B 66 -31.56 -32.99 27.99
CA ALA B 66 -32.65 -33.75 27.40
C ALA B 66 -33.67 -34.20 28.44
N LYS B 67 -33.21 -34.55 29.65
CA LYS B 67 -34.13 -34.99 30.72
C LYS B 67 -35.04 -33.86 31.17
N GLN B 68 -34.52 -32.64 31.23
CA GLN B 68 -35.36 -31.46 31.44
C GLN B 68 -36.53 -31.44 30.46
N LYS B 69 -36.23 -31.51 29.16
CA LYS B 69 -37.23 -31.38 28.11
C LYS B 69 -38.10 -32.63 27.95
N GLN B 70 -37.77 -33.69 28.70
CA GLN B 70 -38.51 -34.96 28.71
C GLN B 70 -38.55 -35.64 27.34
N VAL B 71 -37.45 -35.50 26.61
CA VAL B 71 -37.24 -36.19 25.34
C VAL B 71 -35.94 -36.98 25.47
N SER B 72 -35.79 -38.04 24.67
CA SER B 72 -34.61 -38.90 24.75
C SER B 72 -33.36 -38.17 24.23
N PRO B 73 -32.19 -38.41 24.85
CA PRO B 73 -31.00 -37.64 24.49
C PRO B 73 -30.60 -37.64 23.00
N TYR B 74 -30.94 -38.70 22.26
CA TYR B 74 -30.60 -38.76 20.82
C TYR B 74 -31.59 -37.99 19.94
N ASP B 75 -32.86 -37.93 20.33
CA ASP B 75 -33.82 -37.01 19.69
C ASP B 75 -33.40 -35.57 19.95
N PHE B 76 -33.05 -35.30 21.21
CA PHE B 76 -32.63 -33.99 21.63
C PHE B 76 -31.44 -33.50 20.82
N THR B 77 -30.38 -34.29 20.78
CA THR B 77 -29.18 -33.87 20.07
C THR B 77 -29.42 -33.85 18.55
N THR B 78 -30.22 -34.76 18.01
CA THR B 78 -30.54 -34.71 16.57
C THR B 78 -31.29 -33.44 16.24
N ALA B 79 -32.09 -32.96 17.19
CA ALA B 79 -32.82 -31.71 17.07
C ALA B 79 -31.89 -30.50 17.15
N VAL B 80 -31.08 -30.41 18.20
CA VAL B 80 -30.18 -29.25 18.38
C VAL B 80 -29.12 -29.21 17.28
N ALA B 81 -28.56 -30.35 16.92
CA ALA B 81 -27.66 -30.43 15.75
C ALA B 81 -28.35 -29.87 14.50
N GLY B 82 -29.64 -30.18 14.34
CA GLY B 82 -30.41 -29.64 13.23
C GLY B 82 -30.43 -28.12 13.16
N GLU B 83 -30.55 -27.49 14.32
CA GLU B 83 -30.57 -26.03 14.39
C GLU B 83 -29.30 -25.47 13.79
N PHE B 84 -28.18 -26.00 14.25
CA PHE B 84 -26.89 -25.62 13.72
C PHE B 84 -26.88 -25.76 12.21
N LYS B 85 -27.26 -26.92 11.68
CA LYS B 85 -27.21 -27.16 10.24
C LYS B 85 -28.00 -26.11 9.42
N LYS B 86 -29.24 -25.84 9.79
CA LYS B 86 -30.00 -24.77 9.13
C LYS B 86 -29.30 -23.43 9.31
N CYS B 87 -28.89 -23.10 10.55
CA CYS B 87 -28.18 -21.85 10.84
C CYS B 87 -27.05 -21.56 9.88
N PHE B 88 -26.28 -22.59 9.53
CA PHE B 88 -25.16 -22.42 8.62
C PHE B 88 -25.59 -22.46 7.18
N GLU B 89 -26.79 -22.96 6.90
CA GLU B 89 -27.39 -22.78 5.58
C GLU B 89 -27.83 -21.32 5.41
N GLN B 90 -28.48 -20.76 6.44
CA GLN B 90 -28.99 -19.38 6.37
C GLN B 90 -27.86 -18.41 6.21
N MET B 91 -26.67 -18.77 6.69
CA MET B 91 -25.48 -17.94 6.54
C MET B 91 -24.76 -18.18 5.20
N ASP B 92 -25.28 -19.08 4.38
CA ASP B 92 -24.73 -19.30 3.04
C ASP B 92 -23.26 -19.73 3.13
N TYR B 93 -22.97 -20.64 4.04
CA TYR B 93 -21.63 -21.21 4.17
C TYR B 93 -21.47 -22.34 3.18
N SER B 94 -20.25 -22.61 2.75
CA SER B 94 -19.97 -23.72 1.87
C SER B 94 -19.10 -24.75 2.59
N ILE B 95 -19.64 -25.33 3.66
CA ILE B 95 -18.96 -26.37 4.44
C ILE B 95 -19.21 -27.78 3.87
N ASP B 96 -18.15 -28.55 3.71
CA ASP B 96 -18.24 -29.82 3.01
C ASP B 96 -18.88 -30.92 3.81
N TYR B 97 -18.80 -30.86 5.13
CA TYR B 97 -19.38 -31.90 5.94
C TYR B 97 -19.66 -31.43 7.38
N PHE B 98 -20.85 -31.77 7.86
CA PHE B 98 -21.26 -31.54 9.25
C PHE B 98 -21.11 -32.83 10.09
N ILE B 99 -19.99 -32.96 10.81
CA ILE B 99 -19.75 -34.15 11.64
C ILE B 99 -20.48 -34.08 13.00
N ARG B 100 -21.06 -35.21 13.39
CA ARG B 100 -21.68 -35.34 14.71
C ARG B 100 -21.03 -36.47 15.48
N THR B 101 -20.77 -36.21 16.75
CA THR B 101 -20.10 -37.17 17.62
C THR B 101 -20.99 -38.37 17.99
N THR B 102 -22.29 -38.32 17.69
CA THR B 102 -23.16 -39.50 17.80
C THR B 102 -23.00 -40.46 16.63
N ASN B 103 -22.45 -39.98 15.52
CA ASN B 103 -22.26 -40.81 14.33
C ASN B 103 -21.40 -42.04 14.67
N GLU B 104 -21.86 -43.23 14.25
CA GLU B 104 -21.13 -44.48 14.53
C GLU B 104 -19.72 -44.52 13.91
N GLN B 105 -19.55 -43.99 12.69
CA GLN B 105 -18.22 -43.94 12.04
C GLN B 105 -17.24 -43.14 12.89
N HIS B 106 -17.75 -42.14 13.63
CA HIS B 106 -16.93 -41.39 14.58
C HIS B 106 -16.52 -42.26 15.72
N LYS B 107 -17.44 -43.06 16.23
CA LYS B 107 -17.16 -43.93 17.38
C LYS B 107 -16.09 -44.95 17.03
N ALA B 108 -16.11 -45.44 15.78
CA ALA B 108 -15.08 -46.36 15.29
C ALA B 108 -13.71 -45.74 15.49
N VAL B 109 -13.56 -44.52 14.98
CA VAL B 109 -12.27 -43.82 15.02
C VAL B 109 -11.85 -43.60 16.48
N VAL B 110 -12.77 -43.19 17.33
CA VAL B 110 -12.43 -42.93 18.73
C VAL B 110 -11.95 -44.21 19.42
N LYS B 111 -12.62 -45.33 19.17
CA LYS B 111 -12.18 -46.61 19.72
C LYS B 111 -10.80 -46.99 19.17
N GLU B 112 -10.61 -46.82 17.86
CA GLU B 112 -9.35 -47.14 17.19
C GLU B 112 -8.19 -46.26 17.64
N LEU B 113 -8.43 -44.96 17.80
CA LEU B 113 -7.39 -44.09 18.36
C LEU B 113 -7.15 -44.38 19.85
N TRP B 114 -8.20 -44.71 20.57
CA TRP B 114 -8.05 -45.04 21.97
C TRP B 114 -7.15 -46.24 22.13
N THR B 115 -7.42 -47.28 21.34
CA THR B 115 -6.66 -48.53 21.43
C THR B 115 -5.15 -48.32 21.21
N LYS B 116 -4.79 -47.55 20.19
CA LYS B 116 -3.37 -47.29 19.86
C LYS B 116 -2.60 -46.70 21.04
N LEU B 117 -3.25 -45.80 21.77
CA LEU B 117 -2.62 -45.16 22.90
C LEU B 117 -2.46 -46.15 24.05
N GLU B 118 -3.48 -46.98 24.26
CA GLU B 118 -3.42 -48.04 25.29
C GLU B 118 -2.28 -49.00 24.96
N GLN B 119 -2.23 -49.50 23.74
CA GLN B 119 -1.18 -50.46 23.37
C GLN B 119 0.24 -49.89 23.47
N LYS B 120 0.42 -48.62 23.10
CA LYS B 120 1.72 -47.94 23.19
C LYS B 120 2.15 -47.62 24.64
N GLY B 121 1.26 -47.87 25.59
CA GLY B 121 1.56 -47.65 27.00
C GLY B 121 1.41 -46.20 27.42
N ASP B 122 0.64 -45.42 26.65
CA ASP B 122 0.42 -43.99 26.93
C ASP B 122 -0.94 -43.71 27.56
N ILE B 123 -1.83 -44.70 27.54
CA ILE B 123 -3.03 -44.70 28.36
C ILE B 123 -2.93 -45.87 29.32
N TYR B 124 -3.00 -45.61 30.61
CA TYR B 124 -2.87 -46.66 31.59
C TYR B 124 -4.09 -46.64 32.51
N LEU B 125 -4.35 -47.73 33.23
CA LEU B 125 -5.48 -47.81 34.14
C LEU B 125 -4.99 -47.73 35.58
N GLY B 126 -5.51 -46.76 36.34
CA GLY B 126 -5.07 -46.55 37.72
C GLY B 126 -6.24 -46.26 38.62
N ARG B 127 -6.07 -46.52 39.91
CA ARG B 127 -7.10 -46.23 40.90
CA ARG B 127 -7.10 -46.23 40.91
C ARG B 127 -6.81 -44.87 41.55
N TYR B 128 -7.55 -43.84 41.13
CA TYR B 128 -7.44 -42.53 41.77
C TYR B 128 -8.40 -42.50 42.93
N GLU B 129 -7.92 -42.03 44.07
CA GLU B 129 -8.77 -41.74 45.23
C GLU B 129 -8.47 -40.31 45.69
N GLY B 130 -9.53 -39.51 45.85
CA GLY B 130 -9.40 -38.11 46.25
C GLY B 130 -10.77 -37.49 46.50
N TRP B 131 -10.85 -36.15 46.55
CA TRP B 131 -12.10 -35.48 46.95
C TRP B 131 -13.10 -35.30 45.84
N TYR B 132 -14.37 -35.17 46.24
CA TYR B 132 -15.51 -35.20 45.31
C TYR B 132 -15.59 -33.96 44.43
N SER B 133 -16.07 -34.15 43.21
CA SER B 133 -16.32 -33.04 42.30
C SER B 133 -17.70 -33.17 41.65
N ILE B 134 -18.61 -32.29 42.04
CA ILE B 134 -19.86 -32.10 41.30
C ILE B 134 -19.56 -31.21 40.08
N SER B 135 -18.43 -30.50 40.15
CA SER B 135 -17.88 -29.73 39.03
C SER B 135 -17.28 -30.61 37.89
N ASP B 136 -17.39 -31.94 38.02
CA ASP B 136 -16.90 -32.92 37.03
C ASP B 136 -15.38 -32.86 36.80
N GLU B 137 -14.64 -32.73 37.90
CA GLU B 137 -13.19 -32.68 37.90
C GLU B 137 -12.64 -34.08 38.20
N TRP B 168 -15.57 -37.32 48.63
CA TRP B 168 -14.58 -38.39 48.46
C TRP B 168 -14.92 -39.28 47.28
N VAL B 169 -13.89 -39.92 46.71
CA VAL B 169 -14.03 -40.87 45.58
C VAL B 169 -12.92 -41.94 45.65
N SER B 170 -13.21 -43.15 45.16
CA SER B 170 -12.17 -44.17 44.95
C SER B 170 -12.48 -45.13 43.79
N GLU B 171 -12.42 -44.59 42.57
CA GLU B 171 -12.73 -45.34 41.34
C GLU B 171 -11.49 -45.57 40.48
N GLU B 172 -11.57 -46.58 39.62
CA GLU B 172 -10.56 -46.83 38.59
C GLU B 172 -10.74 -45.78 37.50
N ASN B 173 -9.71 -45.56 36.69
CA ASN B 173 -9.73 -44.47 35.71
C ASN B 173 -8.57 -44.59 34.72
N TYR B 174 -8.80 -44.16 33.48
CA TYR B 174 -7.80 -44.21 32.42
C TYR B 174 -7.12 -42.85 32.23
N MET B 175 -5.80 -42.80 32.43
CA MET B 175 -5.03 -41.56 32.29
C MET B 175 -4.17 -41.61 31.05
N PHE B 176 -4.10 -40.49 30.33
CA PHE B 176 -3.13 -40.32 29.24
C PHE B 176 -1.90 -39.64 29.82
N ARG B 177 -0.73 -40.27 29.62
CA ARG B 177 0.53 -39.79 30.18
C ARG B 177 1.00 -38.54 29.48
N LEU B 178 0.27 -37.45 29.67
CA LEU B 178 0.58 -36.19 29.00
C LEU B 178 1.96 -35.64 29.38
N SER B 179 2.46 -35.97 30.57
CA SER B 179 3.75 -35.46 31.05
C SER B 179 4.93 -35.94 30.21
N ALA B 180 4.77 -37.12 29.61
CA ALA B 180 5.82 -37.70 28.77
C ALA B 180 6.10 -36.96 27.46
N PHE B 181 5.18 -36.09 27.04
CA PHE B 181 5.24 -35.44 25.73
C PHE B 181 5.63 -33.97 25.79
N ARG B 182 6.25 -33.55 26.87
CA ARG B 182 6.65 -32.17 27.02
C ARG B 182 7.73 -31.75 26.01
N GLU B 183 8.87 -32.44 26.00
CA GLU B 183 9.91 -32.11 25.04
C GLU B 183 9.39 -32.15 23.60
N ARG B 184 8.82 -33.28 23.17
CA ARG B 184 8.34 -33.39 21.78
C ARG B 184 7.34 -32.28 21.45
N LEU B 185 6.55 -31.83 22.42
CA LEU B 185 5.68 -30.66 22.21
C LEU B 185 6.55 -29.42 22.07
N LEU B 186 7.35 -29.13 23.10
CA LEU B 186 8.26 -27.98 23.08
C LEU B 186 9.11 -27.90 21.82
N GLU B 187 9.57 -29.05 21.34
CA GLU B 187 10.36 -29.12 20.13
C GLU B 187 9.51 -28.70 18.94
N TRP B 188 8.33 -29.30 18.85
CA TRP B 188 7.43 -29.05 17.74
C TRP B 188 7.06 -27.59 17.62
N TYR B 189 6.91 -26.90 18.75
CA TYR B 189 6.61 -25.46 18.77
C TYR B 189 7.80 -24.65 18.21
N HIS B 190 9.00 -25.02 18.67
CA HIS B 190 10.24 -24.36 18.27
C HIS B 190 10.66 -24.74 16.89
N ALA B 191 10.45 -26.00 16.51
CA ALA B 191 10.67 -26.44 15.13
C ALA B 191 9.75 -25.75 14.15
N ASN B 192 8.49 -25.56 14.51
CA ASN B 192 7.48 -24.96 13.64
C ASN B 192 6.91 -23.65 14.19
N PRO B 193 7.68 -22.55 14.11
CA PRO B 193 7.31 -21.28 14.76
C PRO B 193 6.05 -20.60 14.22
N GLY B 194 5.51 -21.09 13.12
CA GLY B 194 4.23 -20.58 12.60
C GLY B 194 3.04 -21.48 12.90
N CYS B 195 3.25 -22.52 13.71
CA CYS B 195 2.22 -23.51 13.99
C CYS B 195 1.06 -22.99 14.85
N ILE B 196 1.29 -21.95 15.66
CA ILE B 196 0.21 -21.30 16.41
C ILE B 196 0.18 -19.81 16.13
N VAL B 197 -1.01 -19.29 15.80
CA VAL B 197 -1.25 -17.88 15.51
C VAL B 197 -2.44 -17.39 16.35
N PRO B 198 -2.40 -16.14 16.84
CA PRO B 198 -1.35 -15.14 16.72
C PRO B 198 -0.13 -15.47 17.55
N GLU B 199 0.99 -14.86 17.20
CA GLU B 199 2.26 -15.16 17.83
C GLU B 199 2.23 -15.09 19.36
N PHE B 200 1.51 -14.12 19.94
CA PHE B 200 1.45 -14.06 21.41
C PHE B 200 0.72 -15.24 22.06
N ARG B 201 -0.25 -15.79 21.33
CA ARG B 201 -0.90 -17.04 21.72
C ARG B 201 0.06 -18.23 21.62
N ARG B 202 0.99 -18.22 20.67
CA ARG B 202 2.02 -19.25 20.61
C ARG B 202 2.88 -19.18 21.87
N ARG B 203 3.29 -17.96 22.24
CA ARG B 203 4.15 -17.76 23.40
CA ARG B 203 4.15 -17.74 23.40
C ARG B 203 3.51 -18.25 24.68
N GLU B 204 2.21 -17.98 24.86
CA GLU B 204 1.49 -18.46 26.03
C GLU B 204 1.62 -19.95 26.15
N VAL B 205 1.35 -20.65 25.05
CA VAL B 205 1.33 -22.11 25.07
C VAL B 205 2.71 -22.65 25.41
N ILE B 206 3.78 -22.00 24.94
CA ILE B 206 5.14 -22.47 25.23
C ILE B 206 5.49 -22.33 26.72
N ARG B 207 5.24 -21.17 27.33
CA ARG B 207 5.48 -21.04 28.77
C ARG B 207 4.64 -22.09 29.49
N ALA B 208 3.38 -22.21 29.06
CA ALA B 208 2.46 -23.18 29.62
C ALA B 208 3.12 -24.56 29.68
N VAL B 209 3.56 -25.04 28.53
CA VAL B 209 4.21 -26.35 28.45
C VAL B 209 5.58 -26.38 29.10
N GLU B 210 6.29 -25.24 29.11
CA GLU B 210 7.57 -25.11 29.83
C GLU B 210 7.40 -25.12 31.35
N LYS B 211 6.19 -24.85 31.84
CA LYS B 211 5.87 -24.98 33.26
C LYS B 211 5.59 -26.43 33.67
N GLY B 212 5.53 -27.35 32.73
CA GLY B 212 5.37 -28.78 33.03
C GLY B 212 3.94 -29.25 32.87
N LEU B 213 3.73 -30.41 32.23
CA LEU B 213 2.40 -30.98 31.97
C LEU B 213 1.99 -32.08 32.96
N PRO B 214 0.82 -31.94 33.61
CA PRO B 214 0.23 -33.10 34.33
C PRO B 214 -0.29 -34.17 33.39
N ASP B 215 -0.54 -35.39 33.87
CA ASP B 215 -1.20 -36.39 33.05
C ASP B 215 -2.69 -36.06 32.92
N LEU B 216 -3.34 -36.63 31.91
CA LEU B 216 -4.71 -36.22 31.58
C LEU B 216 -5.69 -37.36 31.77
N SER B 217 -6.71 -37.10 32.57
CA SER B 217 -7.79 -38.04 32.80
C SER B 217 -8.72 -38.07 31.59
N VAL B 218 -8.66 -39.15 30.83
CA VAL B 218 -9.39 -39.26 29.56
C VAL B 218 -10.60 -40.19 29.64
N SER B 219 -10.89 -40.68 30.86
CA SER B 219 -12.04 -41.57 31.12
C SER B 219 -12.99 -40.99 32.15
N ARG B 220 -14.23 -41.50 32.17
CA ARG B 220 -15.15 -41.26 33.28
C ARG B 220 -16.08 -42.44 33.51
N ALA B 221 -16.57 -42.57 34.74
CA ALA B 221 -17.52 -43.63 35.10
C ALA B 221 -18.83 -43.43 34.35
N ARG B 222 -19.24 -44.47 33.63
CA ARG B 222 -20.54 -44.53 32.93
C ARG B 222 -21.71 -43.87 33.71
N ALA B 223 -21.84 -44.22 35.00
CA ALA B 223 -22.89 -43.66 35.88
C ALA B 223 -22.82 -42.14 35.95
N THR B 224 -21.62 -41.60 36.12
CA THR B 224 -21.43 -40.16 36.26
C THR B 224 -21.66 -39.41 34.92
N LEU B 225 -21.64 -40.15 33.81
CA LEU B 225 -21.92 -39.62 32.47
C LEU B 225 -23.34 -39.95 31.96
N HIS B 226 -24.21 -40.45 32.84
CA HIS B 226 -25.57 -40.86 32.47
C HIS B 226 -25.58 -41.78 31.28
N ASN B 227 -24.59 -42.65 31.22
CA ASN B 227 -24.41 -43.54 30.10
C ASN B 227 -24.50 -42.84 28.74
N TRP B 228 -24.12 -41.57 28.66
CA TRP B 228 -24.27 -40.83 27.41
C TRP B 228 -22.94 -40.40 26.86
N ALA B 229 -22.22 -41.38 26.32
CA ALA B 229 -20.84 -41.20 25.91
C ALA B 229 -20.34 -42.50 25.29
N ILE B 230 -19.24 -42.45 24.55
CA ILE B 230 -18.65 -43.66 23.94
C ILE B 230 -18.00 -44.53 25.01
N PRO B 231 -18.19 -45.87 24.94
CA PRO B 231 -17.60 -46.70 25.98
C PRO B 231 -16.16 -47.06 25.66
N VAL B 232 -15.36 -47.21 26.70
CA VAL B 232 -13.95 -47.54 26.54
C VAL B 232 -13.79 -48.97 26.01
N PRO B 233 -13.10 -49.15 24.87
CA PRO B 233 -12.86 -50.47 24.29
C PRO B 233 -12.41 -51.48 25.31
N GLY B 234 -13.19 -52.55 25.46
CA GLY B 234 -12.87 -53.60 26.43
C GLY B 234 -13.30 -53.34 27.87
N ASN B 235 -13.78 -52.14 28.17
CA ASN B 235 -14.17 -51.81 29.53
C ASN B 235 -15.43 -50.93 29.56
N PRO B 236 -16.60 -51.54 29.24
CA PRO B 236 -17.87 -50.80 29.08
C PRO B 236 -18.33 -50.05 30.32
N ASP B 237 -17.79 -50.41 31.50
CA ASP B 237 -18.09 -49.71 32.74
C ASP B 237 -17.53 -48.29 32.78
N HIS B 238 -16.62 -47.97 31.85
CA HIS B 238 -16.08 -46.63 31.72
C HIS B 238 -16.40 -46.04 30.37
N CYS B 239 -16.45 -44.72 30.32
CA CYS B 239 -16.79 -43.99 29.10
C CYS B 239 -15.63 -43.05 28.70
N VAL B 240 -15.42 -42.89 27.39
CA VAL B 240 -14.42 -41.96 26.87
C VAL B 240 -14.85 -40.51 27.03
N TYR B 241 -14.10 -39.76 27.83
CA TYR B 241 -14.42 -38.36 28.16
C TYR B 241 -14.17 -37.43 26.95
N VAL B 242 -14.40 -36.13 27.15
CA VAL B 242 -14.39 -35.13 26.06
C VAL B 242 -13.14 -35.08 25.15
N TRP B 243 -11.95 -35.22 25.74
CA TRP B 243 -10.70 -34.98 24.98
C TRP B 243 -10.62 -35.93 23.84
N LEU B 244 -10.71 -37.24 24.09
CA LEU B 244 -10.51 -38.21 23.01
C LEU B 244 -11.79 -38.47 22.23
N ASP B 245 -12.87 -37.80 22.63
CA ASP B 245 -14.13 -37.84 21.89
C ASP B 245 -14.18 -36.71 20.85
N ALA B 246 -14.22 -35.47 21.33
CA ALA B 246 -14.34 -34.27 20.49
C ALA B 246 -13.12 -34.11 19.59
N LEU B 247 -11.95 -33.89 20.19
CA LEU B 247 -10.75 -33.61 19.42
C LEU B 247 -10.67 -34.57 18.24
N THR B 248 -10.99 -35.84 18.48
CA THR B 248 -10.91 -36.85 17.42
C THR B 248 -11.80 -36.62 16.19
N ASN B 249 -12.83 -35.77 16.31
CA ASN B 249 -13.68 -35.44 15.17
C ASN B 249 -12.89 -35.04 13.95
N TYR B 250 -11.80 -34.27 14.16
CA TYR B 250 -10.96 -33.83 13.05
C TYR B 250 -10.40 -35.03 12.29
N LEU B 251 -10.10 -36.12 12.99
CA LEU B 251 -9.55 -37.33 12.36
C LEU B 251 -10.63 -38.20 11.65
N THR B 252 -11.78 -38.36 12.28
CA THR B 252 -12.90 -39.04 11.63
C THR B 252 -13.15 -38.33 10.31
N GLY B 253 -13.40 -37.03 10.40
CA GLY B 253 -13.72 -36.23 9.24
C GLY B 253 -12.77 -36.49 8.09
N SER B 254 -11.48 -36.59 8.41
CA SER B 254 -10.43 -36.74 7.41
C SER B 254 -10.44 -38.08 6.70
N ARG B 255 -11.30 -38.98 7.20
CA ARG B 255 -11.37 -40.34 6.73
C ARG B 255 -12.76 -40.71 6.20
N LEU B 256 -13.64 -39.73 6.00
CA LEU B 256 -14.98 -40.02 5.48
C LEU B 256 -15.08 -39.73 3.98
N ARG B 257 -15.56 -40.69 3.21
CA ARG B 257 -15.98 -40.43 1.83
C ARG B 257 -17.37 -39.84 1.89
N VAL B 258 -17.55 -38.63 1.38
CA VAL B 258 -18.86 -37.98 1.38
C VAL B 258 -19.44 -37.99 -0.04
N ASP B 259 -20.78 -37.99 -0.17
CA ASP B 259 -21.43 -38.05 -1.50
C ASP B 259 -21.89 -36.66 -2.02
N GLU B 260 -22.79 -36.63 -3.02
CA GLU B 260 -23.32 -35.38 -3.60
C GLU B 260 -23.83 -34.38 -2.54
N SER B 261 -24.70 -34.84 -1.65
CA SER B 261 -25.07 -34.09 -0.44
C SER B 261 -24.07 -34.45 0.66
N GLY B 262 -24.15 -33.79 1.81
CA GLY B 262 -23.15 -34.00 2.85
C GLY B 262 -23.38 -35.21 3.75
N LYS B 263 -23.63 -36.38 3.16
CA LYS B 263 -23.89 -37.60 3.93
C LYS B 263 -22.86 -38.71 3.68
N GLU B 264 -22.21 -39.16 4.75
CA GLU B 264 -21.03 -40.03 4.69
C GLU B 264 -21.31 -41.45 4.20
N VAL B 265 -20.59 -41.84 3.16
CA VAL B 265 -20.74 -43.14 2.55
C VAL B 265 -19.92 -44.14 3.38
N SER B 266 -18.61 -43.94 3.42
CA SER B 266 -17.70 -44.93 3.99
C SER B 266 -16.78 -44.31 5.04
N LEU B 267 -16.02 -45.18 5.70
CA LEU B 267 -14.93 -44.75 6.55
C LEU B 267 -13.66 -45.46 6.08
N VAL B 268 -12.89 -44.79 5.22
CA VAL B 268 -11.58 -45.30 4.84
C VAL B 268 -10.75 -45.71 6.07
N ASP B 269 -9.95 -46.77 5.95
CA ASP B 269 -9.16 -47.29 7.06
C ASP B 269 -7.88 -46.50 7.24
N ASP B 270 -7.23 -46.27 6.10
CA ASP B 270 -6.03 -45.45 6.05
C ASP B 270 -6.43 -44.01 5.79
N PHE B 271 -5.86 -43.07 6.53
CA PHE B 271 -6.22 -41.66 6.35
C PHE B 271 -5.60 -41.04 5.10
N ASN B 272 -4.55 -41.67 4.58
CA ASN B 272 -3.88 -41.17 3.39
C ASN B 272 -4.67 -41.45 2.13
N GLU B 273 -5.66 -42.32 2.20
CA GLU B 273 -6.53 -42.54 1.04
C GLU B 273 -7.22 -41.24 0.60
N LEU B 274 -7.57 -40.36 1.54
CA LEU B 274 -8.30 -39.13 1.20
C LEU B 274 -7.46 -37.84 1.20
N GLU B 275 -6.19 -37.93 1.63
CA GLU B 275 -5.23 -36.83 1.60
C GLU B 275 -5.65 -35.59 2.42
N ARG B 276 -6.39 -35.82 3.50
CA ARG B 276 -6.90 -34.70 4.29
C ARG B 276 -6.12 -34.49 5.56
N PHE B 277 -5.82 -35.56 6.27
CA PHE B 277 -5.15 -35.43 7.53
C PHE B 277 -3.66 -35.22 7.32
N PRO B 278 -3.05 -34.31 8.12
CA PRO B 278 -3.59 -33.48 9.17
C PRO B 278 -4.21 -32.18 8.67
N ALA B 279 -4.88 -31.47 9.57
CA ALA B 279 -5.43 -30.15 9.23
C ALA B 279 -4.33 -29.23 8.75
N ASP B 280 -4.66 -28.40 7.77
CA ASP B 280 -3.77 -27.33 7.37
C ASP B 280 -4.06 -26.09 8.22
N VAL B 281 -5.31 -25.92 8.62
CA VAL B 281 -5.68 -24.89 9.57
C VAL B 281 -6.81 -25.39 10.44
N HIS B 282 -6.59 -25.36 11.76
CA HIS B 282 -7.66 -25.55 12.73
C HIS B 282 -8.07 -24.18 13.16
N VAL B 283 -9.36 -23.86 13.10
CA VAL B 283 -9.87 -22.60 13.63
C VAL B 283 -10.51 -22.87 14.98
N ILE B 284 -9.99 -22.22 16.01
CA ILE B 284 -10.59 -22.31 17.34
C ILE B 284 -10.74 -20.90 17.91
N GLY B 285 -11.37 -20.79 19.07
CA GLY B 285 -11.40 -19.55 19.83
C GLY B 285 -10.31 -19.67 20.85
N LYS B 286 -9.90 -18.56 21.46
CA LYS B 286 -8.85 -18.57 22.47
C LYS B 286 -9.15 -19.53 23.62
N ASP B 287 -10.43 -19.71 23.92
CA ASP B 287 -10.87 -20.49 25.07
C ASP B 287 -10.50 -21.98 25.02
N ILE B 288 -10.35 -22.55 23.82
CA ILE B 288 -9.99 -23.98 23.71
C ILE B 288 -8.58 -24.21 23.11
N LEU B 289 -7.66 -23.30 23.45
CA LEU B 289 -6.29 -23.34 22.91
C LEU B 289 -5.45 -24.41 23.58
N LYS B 290 -5.51 -24.48 24.90
CA LYS B 290 -4.82 -25.56 25.61
C LYS B 290 -5.16 -26.91 24.95
N PHE B 291 -6.42 -27.09 24.57
CA PHE B 291 -6.91 -28.39 24.11
C PHE B 291 -6.43 -28.77 22.73
N HIS B 292 -6.25 -27.78 21.87
CA HIS B 292 -5.77 -28.01 20.49
C HIS B 292 -4.27 -27.95 20.31
N ALA B 293 -3.61 -27.08 21.08
CA ALA B 293 -2.17 -26.89 20.96
C ALA B 293 -1.36 -27.84 21.84
N ILE B 294 -1.96 -28.36 22.92
CA ILE B 294 -1.26 -29.28 23.85
C ILE B 294 -1.80 -30.72 23.76
N TYR B 295 -3.01 -30.96 24.26
CA TYR B 295 -3.58 -32.33 24.33
C TYR B 295 -3.63 -33.02 22.95
N TRP B 296 -4.23 -32.34 21.99
CA TRP B 296 -4.41 -32.87 20.65
C TRP B 296 -3.13 -33.33 19.97
N PRO B 297 -2.10 -32.46 19.88
CA PRO B 297 -0.87 -32.99 19.29
C PRO B 297 -0.23 -34.12 20.11
N ALA B 298 -0.35 -34.06 21.44
CA ALA B 298 0.24 -35.09 22.30
C ALA B 298 -0.35 -36.47 21.97
N PHE B 299 -1.67 -36.48 21.71
CA PHE B 299 -2.36 -37.69 21.24
C PHE B 299 -1.84 -38.18 19.89
N LEU B 300 -1.61 -37.25 18.97
CA LEU B 300 -1.17 -37.59 17.64
C LEU B 300 0.28 -38.04 17.72
N LEU B 301 1.08 -37.38 18.55
CA LEU B 301 2.45 -37.84 18.83
C LEU B 301 2.47 -39.29 19.33
N SER B 302 1.64 -39.60 20.33
CA SER B 302 1.50 -40.95 20.81
C SER B 302 1.13 -41.87 19.68
N ALA B 303 0.13 -41.49 18.89
CA ALA B 303 -0.41 -42.39 17.84
C ALA B 303 0.45 -42.53 16.57
N GLY B 304 1.63 -41.92 16.56
CA GLY B 304 2.45 -41.88 15.35
C GLY B 304 1.77 -41.15 14.20
N LEU B 305 1.01 -40.10 14.53
CA LEU B 305 0.16 -39.41 13.57
C LEU B 305 0.63 -37.99 13.31
N PRO B 306 0.55 -37.55 12.04
CA PRO B 306 1.07 -36.22 11.73
C PRO B 306 0.31 -35.13 12.45
N LEU B 307 1.05 -34.18 13.03
CA LEU B 307 0.45 -33.04 13.69
C LEU B 307 -0.08 -32.05 12.65
N PRO B 308 -1.09 -31.23 13.03
CA PRO B 308 -1.50 -30.17 12.11
C PRO B 308 -0.38 -29.18 11.83
N LYS B 309 -0.64 -28.25 10.91
CA LYS B 309 0.36 -27.30 10.44
C LYS B 309 0.16 -25.94 11.08
N LYS B 310 -1.09 -25.58 11.37
CA LYS B 310 -1.45 -24.30 11.98
C LYS B 310 -2.69 -24.42 12.83
N ILE B 311 -2.69 -23.67 13.94
CA ILE B 311 -3.86 -23.47 14.81
C ILE B 311 -4.14 -21.97 14.98
N VAL B 312 -5.33 -21.53 14.61
CA VAL B 312 -5.72 -20.11 14.63
C VAL B 312 -6.69 -19.89 15.79
N ALA B 313 -6.42 -18.91 16.65
CA ALA B 313 -7.27 -18.62 17.79
C ALA B 313 -7.72 -17.17 17.78
N HIS B 314 -9.02 -16.93 17.92
CA HIS B 314 -9.59 -15.58 17.96
C HIS B 314 -10.09 -15.21 19.34
N GLY B 315 -10.50 -13.95 19.51
CA GLY B 315 -11.00 -13.42 20.79
C GLY B 315 -12.51 -13.18 20.83
N TRP B 316 -13.02 -12.90 22.04
CA TRP B 316 -14.48 -12.94 22.35
C TRP B 316 -15.25 -11.64 22.07
N TRP B 317 -16.60 -11.68 22.21
CA TRP B 317 -17.50 -10.60 21.69
C TRP B 317 -18.18 -9.68 22.69
N THR B 318 -18.60 -8.54 22.14
CA THR B 318 -19.36 -7.51 22.85
C THR B 318 -20.21 -6.70 21.84
N LYS B 319 -21.52 -6.96 21.76
CA LYS B 319 -22.43 -6.15 20.92
C LYS B 319 -22.68 -4.76 21.55
N ASP B 320 -22.24 -3.71 20.86
CA ASP B 320 -22.29 -2.30 21.34
C ASP B 320 -21.42 -2.04 22.59
N ARG B 321 -20.27 -2.70 22.66
CA ARG B 321 -19.30 -2.57 23.79
C ARG B 321 -19.78 -3.20 25.12
N LYS B 322 -20.90 -3.94 25.07
CA LYS B 322 -21.49 -4.62 26.24
C LYS B 322 -21.50 -6.15 25.98
N LYS B 323 -21.69 -6.95 27.04
CA LYS B 323 -21.61 -8.42 26.94
C LYS B 323 -22.92 -9.07 26.45
N ILE B 324 -22.87 -9.85 25.35
CA ILE B 324 -24.06 -10.54 24.83
C ILE B 324 -24.41 -11.77 25.67
N GLY B 329 -29.97 -7.52 28.31
CA GLY B 329 -30.48 -6.63 27.28
C GLY B 329 -29.74 -6.71 25.96
N ASN B 330 -28.62 -7.42 25.93
CA ASN B 330 -27.78 -7.54 24.73
C ASN B 330 -28.08 -8.79 23.90
N VAL B 331 -28.65 -8.58 22.70
CA VAL B 331 -28.95 -9.68 21.78
C VAL B 331 -28.33 -9.42 20.39
N PHE B 332 -27.36 -10.27 20.04
CA PHE B 332 -26.74 -10.27 18.70
C PHE B 332 -27.14 -11.56 17.97
N ASP B 333 -28.11 -11.45 17.07
CA ASP B 333 -28.54 -12.56 16.21
C ASP B 333 -28.02 -12.32 14.78
N PRO B 334 -27.06 -13.13 14.31
CA PRO B 334 -26.49 -12.91 12.97
C PRO B 334 -27.49 -13.05 11.81
N VAL B 335 -28.30 -14.11 11.83
CA VAL B 335 -29.30 -14.32 10.77
C VAL B 335 -30.27 -13.13 10.67
N GLU B 336 -30.44 -12.40 11.76
CA GLU B 336 -31.26 -11.20 11.78
C GLU B 336 -30.54 -10.03 11.10
N LYS B 337 -29.38 -9.65 11.63
CA LYS B 337 -28.62 -8.49 11.11
C LYS B 337 -28.30 -8.67 9.63
N ALA B 338 -28.00 -9.90 9.22
CA ALA B 338 -27.77 -10.20 7.81
C ALA B 338 -29.02 -9.93 6.98
N GLU B 339 -30.20 -10.15 7.57
CA GLU B 339 -31.45 -9.84 6.90
C GLU B 339 -31.70 -8.33 6.88
N GLU B 340 -31.19 -7.62 7.89
CA GLU B 340 -31.30 -6.15 7.94
C GLU B 340 -30.31 -5.47 6.97
N PHE B 341 -29.08 -5.96 6.94
CA PHE B 341 -27.96 -5.28 6.27
C PHE B 341 -27.41 -6.02 5.03
N GLY B 342 -27.78 -7.30 4.87
CA GLY B 342 -27.27 -8.12 3.77
C GLY B 342 -26.23 -9.12 4.27
N TYR B 343 -26.24 -10.32 3.70
CA TYR B 343 -25.38 -11.40 4.20
C TYR B 343 -23.87 -11.14 3.99
N ASP B 344 -23.44 -11.03 2.73
CA ASP B 344 -22.03 -10.69 2.42
C ASP B 344 -21.55 -9.49 3.25
N ALA B 345 -22.39 -8.46 3.38
CA ALA B 345 -21.98 -7.27 4.10
C ALA B 345 -21.70 -7.59 5.55
N LEU B 346 -22.60 -8.33 6.19
CA LEU B 346 -22.39 -8.74 7.57
C LEU B 346 -21.09 -9.55 7.70
N LYS B 347 -20.89 -10.54 6.86
CA LYS B 347 -19.66 -11.35 6.89
C LYS B 347 -18.44 -10.42 6.77
N TYR B 348 -18.44 -9.59 5.73
CA TYR B 348 -17.37 -8.61 5.53
C TYR B 348 -17.09 -7.78 6.75
N PHE B 349 -18.15 -7.30 7.39
CA PHE B 349 -18.00 -6.41 8.54
C PHE B 349 -17.34 -7.10 9.71
N LEU B 350 -17.89 -8.24 10.11
CA LEU B 350 -17.33 -9.02 11.21
C LEU B 350 -15.84 -9.29 10.98
N LEU B 351 -15.51 -9.75 9.79
CA LEU B 351 -14.15 -10.20 9.51
C LEU B 351 -13.17 -9.05 9.57
N ARG B 352 -13.61 -7.90 9.08
CA ARG B 352 -12.78 -6.69 8.98
C ARG B 352 -12.71 -5.94 10.30
N GLU B 353 -13.80 -6.00 11.09
CA GLU B 353 -13.90 -5.18 12.30
C GLU B 353 -12.95 -5.62 13.40
N SER B 354 -12.69 -6.92 13.48
CA SER B 354 -11.56 -7.35 14.29
C SER B 354 -10.84 -8.56 13.71
N GLY B 355 -9.55 -8.57 14.01
CA GLY B 355 -8.76 -9.77 13.87
C GLY B 355 -8.66 -10.40 15.23
N PHE B 356 -7.52 -11.04 15.47
CA PHE B 356 -7.33 -11.95 16.60
C PHE B 356 -7.67 -11.29 17.94
N SER B 357 -6.80 -10.43 18.46
CA SER B 357 -7.14 -9.65 19.68
C SER B 357 -8.39 -8.81 19.38
N ASP B 358 -9.47 -9.07 20.13
CA ASP B 358 -10.77 -8.48 19.82
C ASP B 358 -11.32 -7.51 20.88
N ASP B 359 -11.32 -6.23 20.54
CA ASP B 359 -11.99 -5.18 21.33
C ASP B 359 -12.80 -4.25 20.41
N GLY B 360 -13.18 -4.78 19.24
CA GLY B 360 -13.77 -3.96 18.17
C GLY B 360 -15.17 -3.48 18.46
N ASP B 361 -15.61 -2.48 17.69
CA ASP B 361 -16.93 -1.88 17.81
C ASP B 361 -17.93 -2.57 16.87
N TYR B 362 -18.87 -3.32 17.45
CA TYR B 362 -19.90 -4.06 16.69
C TYR B 362 -21.29 -3.42 16.81
N SER B 363 -21.30 -2.09 16.80
CA SER B 363 -22.52 -1.30 16.84
C SER B 363 -23.17 -1.17 15.47
N ASP B 364 -24.44 -0.78 15.44
CA ASP B 364 -25.12 -0.47 14.19
C ASP B 364 -24.52 0.78 13.52
N LYS B 365 -23.92 1.66 14.32
CA LYS B 365 -23.31 2.88 13.81
C LYS B 365 -22.11 2.57 12.92
N ASN B 366 -21.25 1.68 13.42
CA ASN B 366 -20.03 1.29 12.72
C ASN B 366 -20.36 0.31 11.60
N MET B 367 -21.28 -0.62 11.88
CA MET B 367 -21.77 -1.55 10.85
C MET B 367 -22.15 -0.77 9.58
N ILE B 368 -22.85 0.33 9.75
CA ILE B 368 -23.31 1.19 8.65
C ILE B 368 -22.18 2.04 8.08
N ALA B 369 -21.29 2.53 8.95
CA ALA B 369 -20.16 3.34 8.53
C ALA B 369 -19.36 2.62 7.45
N ARG B 370 -18.95 1.39 7.76
CA ARG B 370 -18.17 0.54 6.85
C ARG B 370 -18.94 0.12 5.60
N LEU B 371 -20.20 -0.28 5.79
CA LEU B 371 -21.08 -0.57 4.67
C LEU B 371 -21.11 0.58 3.67
N ASN B 372 -21.24 1.80 4.17
CA ASN B 372 -21.36 2.99 3.31
C ASN B 372 -20.03 3.40 2.68
N GLY B 373 -19.01 3.60 3.52
CA GLY B 373 -17.71 4.09 3.06
C GLY B 373 -16.88 3.10 2.23
N GLU B 374 -16.92 1.81 2.57
CA GLU B 374 -16.04 0.81 1.99
C GLU B 374 -16.72 0.01 0.88
N LEU B 375 -17.80 -0.67 1.23
CA LEU B 375 -18.50 -1.53 0.28
C LEU B 375 -19.24 -0.73 -0.80
N ALA B 376 -19.92 0.34 -0.39
CA ALA B 376 -20.60 1.24 -1.33
C ALA B 376 -19.61 2.20 -2.00
N ASP B 377 -19.14 3.17 -1.22
CA ASP B 377 -18.30 4.24 -1.76
C ASP B 377 -17.05 3.72 -2.50
N THR B 378 -16.32 2.79 -1.89
CA THR B 378 -15.07 2.33 -2.51
C THR B 378 -15.29 1.28 -3.57
N LEU B 379 -15.83 0.13 -3.19
CA LEU B 379 -16.03 -0.97 -4.14
C LEU B 379 -17.20 -0.68 -5.10
N GLY B 380 -18.39 -0.51 -4.53
CA GLY B 380 -19.62 -0.38 -5.32
C GLY B 380 -19.56 0.68 -6.39
N ASN B 381 -19.14 1.88 -6.02
CA ASN B 381 -19.05 2.99 -6.97
C ASN B 381 -18.14 2.62 -8.14
N LEU B 382 -16.97 2.14 -7.79
CA LEU B 382 -15.97 1.78 -8.78
C LEU B 382 -16.57 0.83 -9.81
N VAL B 383 -17.39 -0.10 -9.36
CA VAL B 383 -18.00 -1.10 -10.24
C VAL B 383 -18.97 -0.44 -11.22
N MET B 384 -19.69 0.57 -10.75
CA MET B 384 -20.59 1.33 -11.62
C MET B 384 -19.78 2.21 -12.55
N ARG B 385 -18.81 2.93 -12.01
CA ARG B 385 -17.99 3.85 -12.81
C ARG B 385 -17.25 3.19 -13.99
N CYS B 386 -17.03 1.87 -13.97
CA CYS B 386 -16.42 1.21 -15.14
C CYS B 386 -17.48 0.56 -16.04
N THR B 387 -18.50 -0.05 -15.44
CA THR B 387 -19.55 -0.69 -16.22
C THR B 387 -20.50 0.31 -16.89
N SER B 388 -20.54 1.53 -16.35
CA SER B 388 -21.43 2.61 -16.81
C SER B 388 -21.53 2.81 -18.32
N ALA B 389 -22.76 2.97 -18.80
CA ALA B 389 -23.04 3.28 -20.21
C ALA B 389 -22.35 4.57 -20.69
N LYS B 390 -22.20 5.53 -19.79
CA LYS B 390 -21.66 6.86 -20.12
C LYS B 390 -20.15 6.89 -20.32
N ILE B 391 -19.43 6.07 -19.55
CA ILE B 391 -17.97 6.01 -19.62
C ILE B 391 -17.56 4.89 -20.56
N ASN B 392 -18.08 3.69 -20.29
CA ASN B 392 -17.84 2.51 -21.12
C ASN B 392 -18.94 2.42 -22.18
N VAL B 393 -18.82 3.26 -23.21
CA VAL B 393 -19.86 3.41 -24.21
C VAL B 393 -20.13 2.15 -25.03
N ASN B 394 -19.13 1.30 -25.24
CA ASN B 394 -19.31 0.14 -26.11
C ASN B 394 -19.57 -1.16 -25.36
N GLY B 395 -19.85 -1.07 -24.07
CA GLY B 395 -20.16 -2.25 -23.25
C GLY B 395 -19.16 -3.38 -23.43
N GLU B 396 -17.89 -3.07 -23.32
CA GLU B 396 -16.83 -4.07 -23.46
C GLU B 396 -15.55 -3.67 -22.71
N TRP B 397 -14.65 -4.63 -22.59
CA TRP B 397 -13.30 -4.41 -22.07
C TRP B 397 -12.39 -3.86 -23.14
N PRO B 398 -12.06 -2.57 -23.11
CA PRO B 398 -11.26 -2.03 -24.22
C PRO B 398 -9.82 -2.54 -24.27
N SER B 399 -9.23 -2.46 -25.46
CA SER B 399 -7.83 -2.80 -25.67
C SER B 399 -6.99 -1.56 -25.32
N PRO B 400 -6.08 -1.67 -24.35
CA PRO B 400 -5.36 -0.48 -23.86
C PRO B 400 -4.41 0.13 -24.89
N ALA B 401 -4.18 1.44 -24.78
CA ALA B 401 -3.21 2.16 -25.61
C ALA B 401 -1.85 2.15 -24.90
N ALA B 402 -1.04 3.18 -25.12
CA ALA B 402 0.25 3.32 -24.41
C ALA B 402 0.06 3.51 -22.88
N TYR B 403 1.06 3.09 -22.11
CA TYR B 403 0.99 3.15 -20.65
C TYR B 403 1.88 4.27 -20.10
N THR B 404 1.33 5.10 -19.23
CA THR B 404 2.12 6.08 -18.47
C THR B 404 2.78 5.44 -17.24
N GLU B 405 3.64 6.20 -16.57
CA GLU B 405 4.16 5.79 -15.26
C GLU B 405 3.07 5.87 -14.21
N GLU B 406 2.11 6.77 -14.42
CA GLU B 406 0.92 6.84 -13.56
CA GLU B 406 0.93 6.85 -13.56
C GLU B 406 0.09 5.57 -13.71
N ASP B 407 -0.12 5.13 -14.95
CA ASP B 407 -0.80 3.86 -15.19
C ASP B 407 -0.03 2.73 -14.52
N GLU B 408 1.27 2.70 -14.75
CA GLU B 408 2.05 1.56 -14.29
C GLU B 408 2.22 1.46 -12.79
N SER B 409 2.21 2.61 -12.10
CA SER B 409 2.19 2.61 -10.64
C SER B 409 1.01 1.81 -10.12
N LEU B 410 -0.18 2.08 -10.66
CA LEU B 410 -1.39 1.33 -10.30
C LEU B 410 -1.31 -0.13 -10.76
N ILE B 411 -0.78 -0.35 -11.97
CA ILE B 411 -0.64 -1.73 -12.51
C ILE B 411 0.26 -2.62 -11.62
N GLN B 412 1.23 -1.99 -10.96
CA GLN B 412 2.15 -2.67 -10.05
C GLN B 412 1.48 -3.10 -8.74
N LEU B 413 0.57 -2.27 -8.25
CA LEU B 413 -0.16 -2.58 -7.01
C LEU B 413 -1.04 -3.78 -7.27
N ILE B 414 -1.65 -3.79 -8.46
CA ILE B 414 -2.51 -4.89 -8.87
C ILE B 414 -1.72 -6.18 -9.01
N LYS B 415 -0.61 -6.14 -9.72
CA LYS B 415 0.21 -7.34 -9.89
C LYS B 415 0.66 -7.87 -8.53
N ASP B 416 1.09 -6.96 -7.65
CA ASP B 416 1.61 -7.35 -6.33
C ASP B 416 0.55 -7.80 -5.31
N LEU B 417 -0.73 -7.55 -5.61
CA LEU B 417 -1.81 -7.83 -4.67
C LEU B 417 -2.07 -9.32 -4.45
N PRO B 418 -2.14 -10.13 -5.52
CA PRO B 418 -2.39 -11.54 -5.27
C PRO B 418 -1.39 -12.21 -4.31
N GLY B 419 -0.11 -11.87 -4.45
CA GLY B 419 0.93 -12.47 -3.61
C GLY B 419 0.92 -11.99 -2.17
N THR B 420 0.51 -10.74 -1.97
CA THR B 420 0.39 -10.16 -0.65
C THR B 420 -0.82 -10.73 0.05
N ALA B 421 -1.94 -10.80 -0.67
CA ALA B 421 -3.15 -11.45 -0.18
C ALA B 421 -2.88 -12.91 0.20
N ASP B 422 -2.35 -13.68 -0.75
CA ASP B 422 -2.11 -15.09 -0.54
C ASP B 422 -1.39 -15.35 0.75
N HIS B 423 -0.40 -14.51 1.10
CA HIS B 423 0.31 -14.69 2.38
C HIS B 423 -0.58 -14.48 3.56
N TYR B 424 -1.35 -13.39 3.55
CA TYR B 424 -2.24 -13.09 4.67
C TYR B 424 -3.29 -14.18 4.82
N TYR B 425 -3.85 -14.66 3.71
CA TYR B 425 -4.79 -15.78 3.75
C TYR B 425 -4.12 -17.06 4.26
N LEU B 426 -2.83 -17.24 3.97
CA LEU B 426 -2.11 -18.43 4.46
C LEU B 426 -1.80 -18.40 5.96
N ILE B 427 -1.53 -17.21 6.52
CA ILE B 427 -1.11 -17.03 7.93
C ILE B 427 -1.90 -17.85 8.97
N PRO B 428 -3.23 -17.75 8.95
CA PRO B 428 -4.12 -16.88 8.18
C PRO B 428 -4.53 -15.62 8.97
N ASP B 429 -4.61 -14.47 8.31
CA ASP B 429 -5.07 -13.22 8.93
C ASP B 429 -5.99 -12.51 7.93
N ILE B 430 -7.29 -12.75 8.06
CA ILE B 430 -8.24 -12.32 7.04
C ILE B 430 -8.42 -10.81 7.03
N GLN B 431 -8.23 -10.18 8.19
CA GLN B 431 -8.34 -8.72 8.31
C GLN B 431 -7.32 -8.06 7.39
N LYS B 432 -6.07 -8.48 7.54
CA LYS B 432 -5.00 -8.04 6.65
C LYS B 432 -5.32 -8.33 5.17
N ALA B 433 -5.72 -9.55 4.83
CA ALA B 433 -6.10 -9.89 3.45
C ALA B 433 -7.04 -8.87 2.83
N ILE B 434 -8.08 -8.47 3.58
CA ILE B 434 -9.04 -7.45 3.12
C ILE B 434 -8.40 -6.08 2.96
N ILE B 435 -7.74 -5.61 4.01
CA ILE B 435 -7.07 -4.31 4.00
C ILE B 435 -6.12 -4.21 2.79
N ALA B 436 -5.34 -5.26 2.56
CA ALA B 436 -4.47 -5.33 1.41
C ALA B 436 -5.27 -5.07 0.14
N VAL B 437 -6.43 -5.73 0.00
CA VAL B 437 -7.25 -5.55 -1.20
C VAL B 437 -7.81 -4.14 -1.22
N PHE B 438 -8.43 -3.75 -0.12
CA PHE B 438 -9.03 -2.41 -0.04
C PHE B 438 -8.04 -1.26 -0.22
N ASP B 439 -6.78 -1.49 0.16
CA ASP B 439 -5.73 -0.54 -0.20
C ASP B 439 -5.67 -0.42 -1.73
N VAL B 440 -5.60 -1.54 -2.44
CA VAL B 440 -5.58 -1.45 -3.89
C VAL B 440 -6.87 -0.80 -4.40
N LEU B 441 -8.00 -1.13 -3.81
CA LEU B 441 -9.28 -0.56 -4.28
C LEU B 441 -9.28 0.97 -4.17
N ARG B 442 -8.77 1.46 -3.05
CA ARG B 442 -8.72 2.91 -2.80
C ARG B 442 -7.88 3.63 -3.86
N ALA B 443 -6.72 3.06 -4.16
CA ALA B 443 -5.83 3.59 -5.23
C ALA B 443 -6.51 3.64 -6.59
N ILE B 444 -7.22 2.57 -6.95
CA ILE B 444 -7.92 2.53 -8.24
C ILE B 444 -8.91 3.70 -8.31
N ASN B 445 -9.65 3.91 -7.21
CA ASN B 445 -10.54 5.08 -7.13
C ASN B 445 -9.78 6.39 -7.32
N ALA B 446 -8.66 6.53 -6.63
CA ALA B 446 -7.79 7.71 -6.78
C ALA B 446 -7.37 7.90 -8.25
N TYR B 447 -6.94 6.80 -8.85
CA TYR B 447 -6.54 6.80 -10.25
C TYR B 447 -7.66 7.30 -11.16
N VAL B 448 -8.89 6.84 -10.91
CA VAL B 448 -10.04 7.24 -11.74
C VAL B 448 -10.33 8.70 -11.49
N THR B 449 -10.25 9.14 -10.24
CA THR B 449 -10.45 10.55 -9.91
C THR B 449 -9.47 11.42 -10.70
N ASP B 450 -8.21 11.01 -10.78
CA ASP B 450 -7.18 11.82 -11.44
C ASP B 450 -7.29 11.74 -12.97
N MET B 451 -7.66 10.58 -13.50
CA MET B 451 -7.79 10.41 -14.95
C MET B 451 -9.12 10.92 -15.49
N ALA B 452 -10.11 11.07 -14.61
CA ALA B 452 -11.43 11.60 -14.97
C ALA B 452 -11.94 11.06 -16.32
N PRO B 453 -12.17 9.73 -16.41
CA PRO B 453 -12.59 9.06 -17.65
C PRO B 453 -13.78 9.71 -18.35
N TRP B 454 -14.74 10.18 -17.54
CA TRP B 454 -15.93 10.85 -18.04
C TRP B 454 -15.62 12.00 -18.98
N LYS B 455 -14.63 12.81 -18.65
CA LYS B 455 -14.16 13.85 -19.57
C LYS B 455 -13.49 13.23 -20.81
N LEU B 456 -12.68 12.19 -20.60
CA LEU B 456 -11.95 11.58 -21.69
C LEU B 456 -12.84 10.96 -22.78
N VAL B 457 -14.12 10.73 -22.48
CA VAL B 457 -15.06 10.13 -23.45
C VAL B 457 -15.00 10.78 -24.83
N LYS B 458 -14.79 12.10 -24.87
CA LYS B 458 -14.56 12.83 -26.13
C LYS B 458 -13.33 13.73 -26.14
N THR B 459 -12.79 14.09 -24.99
CA THR B 459 -11.48 14.74 -24.98
C THR B 459 -10.40 13.85 -25.63
N ASP B 460 -10.48 12.54 -25.39
CA ASP B 460 -9.38 11.64 -25.79
C ASP B 460 -9.83 10.18 -25.71
N PRO B 461 -10.44 9.67 -26.79
CA PRO B 461 -10.86 8.26 -26.77
C PRO B 461 -9.70 7.28 -26.54
N GLU B 462 -8.61 7.48 -27.28
CA GLU B 462 -7.45 6.60 -27.15
C GLU B 462 -7.05 6.39 -25.68
N ARG B 463 -7.03 7.48 -24.92
CA ARG B 463 -6.61 7.43 -23.52
C ARG B 463 -7.61 6.65 -22.67
N LEU B 464 -8.90 6.86 -22.93
CA LEU B 464 -9.96 6.19 -22.17
C LEU B 464 -9.78 4.69 -22.23
N ARG B 465 -9.33 4.19 -23.37
CA ARG B 465 -9.14 2.75 -23.53
C ARG B 465 -8.21 2.22 -22.44
N THR B 466 -7.07 2.89 -22.24
CA THR B 466 -6.13 2.45 -21.23
C THR B 466 -6.79 2.55 -19.85
N VAL B 467 -7.25 3.74 -19.50
CA VAL B 467 -7.83 3.97 -18.17
C VAL B 467 -8.96 2.97 -17.80
N LEU B 468 -9.82 2.66 -18.76
CA LEU B 468 -10.86 1.67 -18.53
C LEU B 468 -10.25 0.30 -18.35
N TYR B 469 -9.45 -0.13 -19.32
CA TYR B 469 -8.90 -1.48 -19.25
C TYR B 469 -8.23 -1.75 -17.89
N ILE B 470 -7.41 -0.80 -17.43
CA ILE B 470 -6.74 -0.92 -16.13
C ILE B 470 -7.73 -0.99 -14.96
N THR B 471 -8.69 -0.06 -14.90
CA THR B 471 -9.61 -0.05 -13.76
C THR B 471 -10.45 -1.34 -13.72
N LEU B 472 -10.98 -1.74 -14.87
CA LEU B 472 -11.70 -3.02 -14.99
C LEU B 472 -10.89 -4.17 -14.40
N GLU B 473 -9.66 -4.30 -14.90
CA GLU B 473 -8.78 -5.38 -14.51
C GLU B 473 -8.47 -5.30 -13.01
N GLY B 474 -8.43 -4.08 -12.46
CA GLY B 474 -8.19 -3.89 -11.04
C GLY B 474 -9.38 -4.30 -10.19
N VAL B 475 -10.56 -3.94 -10.66
CA VAL B 475 -11.82 -4.36 -10.04
C VAL B 475 -11.99 -5.89 -10.13
N ARG B 476 -11.49 -6.49 -11.20
CA ARG B 476 -11.63 -7.93 -11.37
C ARG B 476 -10.73 -8.63 -10.39
N VAL B 477 -9.44 -8.31 -10.44
CA VAL B 477 -8.44 -8.94 -9.56
C VAL B 477 -8.78 -8.70 -8.09
N THR B 478 -9.13 -7.47 -7.73
CA THR B 478 -9.54 -7.22 -6.34
C THR B 478 -10.80 -8.01 -5.97
N THR B 479 -11.80 -8.00 -6.87
CA THR B 479 -13.03 -8.77 -6.65
C THR B 479 -12.70 -10.23 -6.42
N LEU B 480 -11.80 -10.77 -7.23
CA LEU B 480 -11.43 -12.19 -7.13
C LEU B 480 -10.86 -12.56 -5.75
N LEU B 481 -10.05 -11.68 -5.16
CA LEU B 481 -9.48 -11.99 -3.86
C LEU B 481 -10.44 -11.61 -2.73
N LEU B 482 -11.42 -10.75 -3.03
CA LEU B 482 -12.50 -10.45 -2.07
C LEU B 482 -13.61 -11.52 -2.15
N SER B 483 -13.65 -12.23 -3.28
CA SER B 483 -14.49 -13.40 -3.52
C SER B 483 -14.82 -14.29 -2.31
N PRO B 484 -13.82 -14.68 -1.49
CA PRO B 484 -14.16 -15.56 -0.37
C PRO B 484 -14.82 -14.85 0.80
N ILE B 485 -14.77 -13.52 0.82
CA ILE B 485 -15.42 -12.73 1.88
C ILE B 485 -16.85 -12.41 1.46
N LEU B 486 -16.99 -11.89 0.25
CA LEU B 486 -18.26 -11.54 -0.33
C LEU B 486 -18.53 -12.49 -1.51
N PRO B 487 -19.04 -13.69 -1.23
CA PRO B 487 -19.17 -14.67 -2.31
C PRO B 487 -20.31 -14.40 -3.29
N ARG B 488 -21.42 -13.85 -2.81
CA ARG B 488 -22.56 -13.60 -3.67
C ARG B 488 -22.30 -12.35 -4.47
N LYS B 489 -21.95 -11.28 -3.76
CA LYS B 489 -21.69 -10.00 -4.38
C LYS B 489 -20.54 -10.09 -5.37
N SER B 490 -19.62 -11.04 -5.20
CA SER B 490 -18.56 -11.23 -6.18
C SER B 490 -19.12 -11.76 -7.50
N VAL B 491 -20.05 -12.71 -7.40
CA VAL B 491 -20.69 -13.25 -8.59
C VAL B 491 -21.46 -12.15 -9.32
N VAL B 492 -22.11 -11.25 -8.58
CA VAL B 492 -22.78 -10.10 -9.18
C VAL B 492 -21.77 -9.20 -9.89
N ILE B 493 -20.62 -8.94 -9.27
CA ILE B 493 -19.64 -8.05 -9.88
C ILE B 493 -19.06 -8.69 -11.13
N PHE B 494 -18.81 -10.00 -11.10
CA PHE B 494 -18.26 -10.68 -12.27
C PHE B 494 -19.24 -10.75 -13.45
N ASP B 495 -20.55 -10.85 -13.16
CA ASP B 495 -21.55 -10.85 -14.23
C ASP B 495 -21.56 -9.47 -14.90
N MET B 496 -21.54 -8.43 -14.09
CA MET B 496 -21.54 -7.06 -14.59
C MET B 496 -20.35 -6.81 -15.48
N LEU B 497 -19.17 -7.22 -15.01
CA LEU B 497 -17.94 -7.09 -15.81
C LEU B 497 -17.94 -8.04 -17.01
N GLY B 498 -18.79 -9.06 -16.96
CA GLY B 498 -18.90 -10.02 -18.05
C GLY B 498 -17.71 -10.97 -18.07
N VAL B 499 -17.18 -11.27 -16.89
CA VAL B 499 -16.03 -12.15 -16.76
C VAL B 499 -16.52 -13.58 -16.83
N PRO B 500 -16.00 -14.36 -17.80
CA PRO B 500 -16.37 -15.77 -17.92
C PRO B 500 -16.13 -16.58 -16.65
N GLU B 501 -16.96 -17.60 -16.42
CA GLU B 501 -16.79 -18.53 -15.31
C GLU B 501 -15.36 -19.06 -15.23
N VAL B 502 -14.80 -19.51 -16.34
CA VAL B 502 -13.42 -20.03 -16.35
C VAL B 502 -12.40 -19.09 -15.64
N HIS B 503 -12.63 -17.78 -15.72
CA HIS B 503 -11.72 -16.78 -15.16
C HIS B 503 -12.08 -16.33 -13.76
N ARG B 504 -13.01 -17.04 -13.10
CA ARG B 504 -13.51 -16.62 -11.78
C ARG B 504 -12.85 -17.38 -10.64
N LYS B 505 -12.27 -18.56 -10.92
CA LYS B 505 -11.38 -19.19 -9.95
C LYS B 505 -10.12 -19.70 -10.65
N GLY B 506 -9.10 -20.08 -9.87
CA GLY B 506 -7.85 -20.61 -10.40
C GLY B 506 -6.68 -19.65 -10.23
N ILE B 507 -5.58 -20.14 -9.67
CA ILE B 507 -4.38 -19.32 -9.40
C ILE B 507 -3.86 -18.60 -10.67
N GLU B 508 -4.07 -19.24 -11.82
CA GLU B 508 -3.69 -18.66 -13.11
C GLU B 508 -4.36 -17.32 -13.40
N ASN B 509 -5.59 -17.13 -12.91
CA ASN B 509 -6.39 -15.93 -13.16
C ASN B 509 -6.21 -14.84 -12.11
N PHE B 510 -5.34 -15.11 -11.14
CA PHE B 510 -4.82 -14.07 -10.27
C PHE B 510 -3.97 -13.12 -11.09
N GLU B 511 -3.48 -13.60 -12.23
CA GLU B 511 -2.53 -12.91 -13.07
C GLU B 511 -3.19 -11.79 -13.87
N PHE B 512 -2.49 -10.67 -13.94
CA PHE B 512 -2.98 -9.45 -14.57
C PHE B 512 -3.07 -9.70 -16.08
N GLY B 513 -4.24 -9.46 -16.65
CA GLY B 513 -4.47 -9.64 -18.07
C GLY B 513 -5.31 -10.86 -18.43
N ALA B 514 -5.74 -11.62 -17.42
CA ALA B 514 -6.49 -12.86 -17.66
C ALA B 514 -7.63 -12.68 -18.67
N VAL B 515 -8.55 -11.76 -18.36
CA VAL B 515 -9.68 -11.48 -19.25
C VAL B 515 -9.23 -10.59 -20.40
N PRO B 516 -9.36 -11.08 -21.65
CA PRO B 516 -8.85 -10.38 -22.81
C PRO B 516 -9.73 -9.25 -23.28
N PRO B 517 -9.13 -8.22 -23.91
CA PRO B 517 -9.87 -7.15 -24.57
C PRO B 517 -10.92 -7.68 -25.55
N GLY B 518 -12.07 -7.01 -25.60
CA GLY B 518 -13.17 -7.42 -26.48
C GLY B 518 -14.24 -8.18 -25.72
N THR B 519 -13.93 -8.59 -24.49
CA THR B 519 -14.90 -9.29 -23.66
C THR B 519 -16.09 -8.38 -23.43
N ARG B 520 -17.29 -8.89 -23.71
CA ARG B 520 -18.54 -8.14 -23.54
C ARG B 520 -18.85 -8.02 -22.06
N LEU B 521 -19.33 -6.86 -21.65
CA LEU B 521 -19.91 -6.71 -20.32
C LEU B 521 -21.25 -7.43 -20.27
N GLY B 522 -21.73 -7.71 -19.06
CA GLY B 522 -23.08 -8.25 -18.90
C GLY B 522 -24.08 -7.12 -19.03
N PRO B 523 -25.37 -7.43 -19.06
CA PRO B 523 -26.37 -6.36 -19.01
C PRO B 523 -26.40 -5.72 -17.64
N ALA B 524 -27.25 -4.72 -17.43
CA ALA B 524 -27.44 -4.14 -16.10
C ALA B 524 -28.90 -3.79 -15.91
N VAL B 525 -29.60 -4.52 -15.02
CA VAL B 525 -31.03 -4.25 -14.72
C VAL B 525 -31.19 -2.82 -14.15
N GLU B 526 -32.03 -2.03 -14.82
CA GLU B 526 -31.94 -0.56 -14.80
C GLU B 526 -31.75 0.13 -13.43
N GLY B 527 -32.63 -0.17 -12.48
CA GLY B 527 -32.59 0.50 -11.16
C GLY B 527 -31.56 -0.06 -10.18
N GLU B 528 -30.91 -1.15 -10.55
CA GLU B 528 -30.02 -1.95 -9.68
C GLU B 528 -28.90 -1.17 -8.97
N VAL B 529 -28.58 -1.61 -7.75
CA VAL B 529 -27.37 -1.20 -7.05
C VAL B 529 -26.76 -2.41 -6.33
N LEU B 530 -25.43 -2.38 -6.18
CA LEU B 530 -24.66 -3.50 -5.63
C LEU B 530 -24.79 -3.52 -4.12
N PHE B 531 -24.52 -2.36 -3.53
CA PHE B 531 -24.68 -2.11 -2.12
C PHE B 531 -25.46 -0.80 -1.95
N SER B 532 -26.46 -0.79 -1.08
CA SER B 532 -27.16 0.44 -0.74
C SER B 532 -26.68 1.00 0.60
N LYS B 533 -26.67 2.33 0.69
CA LYS B 533 -26.31 3.03 1.93
C LYS B 533 -27.52 3.11 2.86
N ARG B 534 -27.29 3.53 4.11
CA ARG B 534 -28.36 3.60 5.12
C ARG B 534 -28.24 4.81 6.06
N SER B 535 -29.24 5.00 6.92
CA SER B 535 -29.30 6.10 7.91
C SER B 535 -29.23 7.50 7.29
#